data_7KEH
#
_entry.id   7KEH
#
_cell.length_a   150.920
_cell.length_b   150.920
_cell.length_c   111.100
_cell.angle_alpha   90.000
_cell.angle_beta   90.000
_cell.angle_gamma   120.000
#
_symmetry.space_group_name_H-M   'P 63'
#
loop_
_entity.id
_entity.type
_entity.pdbx_description
1 polymer 'Uridylate-specific endoribonuclease'
2 non-polymer 2-[3-(2-HYDROXY-1,1-DIHYDROXYMETHYL-ETHYLAMINO)-PROPYLAMINO]-2-HYDROXYMETHYL-PROPANE-1,3-DIOL
3 non-polymer 'SULFATE ION'
4 water water
#
_entity_poly.entity_id   1
_entity_poly.type   'polypeptide(L)'
_entity_poly.pdbx_seq_one_letter_code
;GAMSLENVAFNVVNKGHFDGQQGEVPVSIINNTVYTKVDGVDVELFENKTTLPVNVAFELWAKRNIKPVPEVKILNNLGV
DIAANTVIWDYKRDAPAHISTIGVCSMTDIAKKPTETICAPLTVFFDGRVDGQVDLFRNARNGVLITEGSVKGLQPSVGP
KQASLNGVTLIGEAVKTQFNYYKKVDGVVQQLPETYFTQSRNLQEFKPRSQMEIDFLELAMDEFIERYKLEGYAFEHIVY
GDFSHSQLGGLHLLIGLAKRFKESPFELEDFIPMDSTVKNYFITDAQTGSSKCVCSVIDLLLDDFVEIIKSQDLSVVSKV
VKVTIDYTEISFMLWCKDGHVETFYPKLQ
;
_entity_poly.pdbx_strand_id   A,B
#
# COMPACT_ATOMS: atom_id res chain seq x y z
N ALA A 2 -25.52 25.69 3.72
CA ALA A 2 -26.95 25.84 3.96
C ALA A 2 -27.56 24.68 4.72
N MET A 3 -27.02 24.42 5.93
CA MET A 3 -27.45 23.33 6.81
C MET A 3 -28.65 23.72 7.70
N SER A 4 -29.68 22.85 7.72
CA SER A 4 -30.93 23.00 8.47
C SER A 4 -31.61 21.66 8.74
N LEU A 5 -32.49 21.64 9.76
CA LEU A 5 -33.23 20.44 10.13
C LEU A 5 -34.12 19.91 9.00
N GLU A 6 -34.91 20.79 8.40
CA GLU A 6 -35.85 20.51 7.33
C GLU A 6 -35.14 20.05 6.04
N ASN A 7 -33.93 20.54 5.79
CA ASN A 7 -33.14 20.13 4.65
C ASN A 7 -32.59 18.71 4.86
N VAL A 8 -32.16 18.38 6.08
CA VAL A 8 -31.69 17.05 6.44
C VAL A 8 -32.85 16.04 6.22
N ALA A 9 -34.05 16.34 6.76
CA ALA A 9 -35.27 15.53 6.63
C ALA A 9 -35.68 15.36 5.16
N PHE A 10 -35.51 16.43 4.35
CA PHE A 10 -35.82 16.40 2.93
C PHE A 10 -34.99 15.31 2.24
N ASN A 11 -33.69 15.28 2.59
CA ASN A 11 -32.70 14.33 2.08
C ASN A 11 -33.03 12.90 2.52
N VAL A 12 -33.40 12.72 3.79
CA VAL A 12 -33.75 11.40 4.31
C VAL A 12 -34.95 10.82 3.51
N VAL A 13 -36.02 11.62 3.37
CA VAL A 13 -37.26 11.26 2.69
C VAL A 13 -37.00 10.97 1.21
N ASN A 14 -36.25 11.82 0.52
CA ASN A 14 -36.07 11.67 -0.91
C ASN A 14 -34.85 10.91 -1.35
N LYS A 15 -33.83 10.73 -0.51
CA LYS A 15 -32.58 10.06 -0.88
C LYS A 15 -32.16 8.87 0.05
N GLY A 16 -32.81 8.72 1.20
CA GLY A 16 -32.51 7.62 2.11
C GLY A 16 -31.52 7.97 3.21
N HIS A 17 -30.82 9.08 3.02
CA HIS A 17 -29.77 9.61 3.90
C HIS A 17 -29.46 10.99 3.36
N PHE A 18 -28.54 11.71 4.05
CA PHE A 18 -28.12 13.03 3.62
C PHE A 18 -27.26 12.92 2.38
N ASP A 19 -27.66 13.64 1.32
CA ASP A 19 -26.97 13.61 0.03
C ASP A 19 -26.72 15.03 -0.54
N GLY A 20 -26.68 16.02 0.34
CA GLY A 20 -26.43 17.41 -0.03
C GLY A 20 -27.36 17.99 -1.07
N GLN A 21 -28.59 17.45 -1.19
CA GLN A 21 -29.60 17.92 -2.13
C GLN A 21 -30.38 19.08 -1.52
N GLN A 22 -30.68 20.09 -2.31
CA GLN A 22 -31.47 21.26 -1.92
C GLN A 22 -32.96 20.90 -1.80
N GLY A 23 -33.62 21.39 -0.75
CA GLY A 23 -35.03 21.19 -0.51
C GLY A 23 -35.36 21.09 0.97
N GLU A 24 -36.66 21.24 1.32
CA GLU A 24 -37.12 21.19 2.71
C GLU A 24 -38.47 20.49 2.82
N VAL A 25 -38.72 19.80 3.95
CA VAL A 25 -40.00 19.15 4.29
C VAL A 25 -40.46 19.64 5.69
N PRO A 26 -41.78 19.64 6.00
CA PRO A 26 -42.20 20.02 7.38
C PRO A 26 -41.78 18.96 8.40
N VAL A 27 -41.16 19.42 9.51
CA VAL A 27 -40.67 18.54 10.58
C VAL A 27 -41.26 18.95 11.92
N SER A 28 -41.54 17.96 12.76
CA SER A 28 -42.01 18.16 14.13
C SER A 28 -41.20 17.25 15.06
N ILE A 29 -40.78 17.83 16.21
CA ILE A 29 -40.00 17.14 17.23
C ILE A 29 -40.82 17.01 18.49
N ILE A 30 -41.03 15.76 18.88
CA ILE A 30 -41.83 15.43 20.08
C ILE A 30 -41.25 14.16 20.69
N ASN A 31 -40.96 14.23 21.98
CA ASN A 31 -40.41 13.15 22.83
C ASN A 31 -39.28 12.34 22.17
N ASN A 32 -38.16 12.98 21.84
CA ASN A 32 -36.93 12.34 21.30
C ASN A 32 -37.17 11.60 19.98
N THR A 33 -38.11 12.07 19.19
CA THR A 33 -38.47 11.53 17.89
C THR A 33 -38.64 12.68 16.90
N VAL A 34 -38.18 12.46 15.66
CA VAL A 34 -38.32 13.36 14.51
C VAL A 34 -39.39 12.78 13.58
N TYR A 35 -40.46 13.56 13.39
CA TYR A 35 -41.58 13.23 12.53
C TYR A 35 -41.61 14.17 11.32
N THR A 36 -42.24 13.71 10.22
CA THR A 36 -42.47 14.50 9.02
C THR A 36 -43.93 14.41 8.61
N LYS A 37 -44.50 15.50 8.12
CA LYS A 37 -45.90 15.47 7.69
C LYS A 37 -45.99 14.95 6.26
N VAL A 38 -46.54 13.74 6.08
CA VAL A 38 -46.75 13.12 4.77
C VAL A 38 -48.26 13.03 4.60
N ASP A 39 -48.81 13.84 3.67
CA ASP A 39 -50.23 13.93 3.36
CA ASP A 39 -50.24 13.88 3.36
C ASP A 39 -51.12 14.03 4.63
N GLY A 40 -50.88 15.10 5.40
CA GLY A 40 -51.66 15.43 6.60
C GLY A 40 -51.45 14.63 7.86
N VAL A 41 -50.56 13.63 7.84
CA VAL A 41 -50.25 12.80 9.02
C VAL A 41 -48.78 12.78 9.27
N ASP A 42 -48.40 12.60 10.54
CA ASP A 42 -47.00 12.55 10.93
C ASP A 42 -46.40 11.16 10.86
N VAL A 43 -45.30 11.04 10.13
CA VAL A 43 -44.52 9.81 9.94
C VAL A 43 -43.20 9.97 10.64
N GLU A 44 -42.85 8.99 11.46
CA GLU A 44 -41.61 8.93 12.20
C GLU A 44 -40.43 8.64 11.27
N LEU A 45 -39.48 9.61 11.24
CA LEU A 45 -38.23 9.58 10.50
C LEU A 45 -37.07 9.02 11.31
N PHE A 46 -37.02 9.35 12.64
CA PHE A 46 -35.92 9.02 13.55
C PHE A 46 -36.34 9.02 15.02
N GLU A 47 -35.88 8.01 15.77
CA GLU A 47 -36.08 7.88 17.22
C GLU A 47 -34.70 7.92 17.82
N ASN A 48 -34.46 8.91 18.70
CA ASN A 48 -33.14 9.12 19.30
C ASN A 48 -32.83 8.19 20.45
N LYS A 49 -31.85 7.29 20.24
CA LYS A 49 -31.37 6.37 21.28
C LYS A 49 -30.00 6.78 21.84
N THR A 50 -29.53 7.98 21.47
CA THR A 50 -28.25 8.53 21.85
C THR A 50 -28.37 9.44 23.05
N THR A 51 -27.24 9.91 23.57
CA THR A 51 -27.20 10.84 24.71
C THR A 51 -27.06 12.28 24.22
N LEU A 52 -27.21 12.46 22.90
CA LEU A 52 -27.13 13.74 22.22
C LEU A 52 -28.54 14.28 21.97
N PRO A 53 -28.72 15.63 21.79
CA PRO A 53 -30.04 16.16 21.41
C PRO A 53 -30.60 15.49 20.15
N VAL A 54 -31.91 15.28 20.14
CA VAL A 54 -32.66 14.61 19.08
C VAL A 54 -32.25 15.12 17.67
N ASN A 55 -32.39 16.41 17.38
CA ASN A 55 -32.05 16.97 16.07
C ASN A 55 -30.58 16.77 15.70
N VAL A 56 -29.68 16.86 16.69
CA VAL A 56 -28.25 16.67 16.47
C VAL A 56 -27.99 15.23 16.06
N ALA A 57 -28.50 14.28 16.86
CA ALA A 57 -28.38 12.84 16.55
C ALA A 57 -29.01 12.54 15.18
N PHE A 58 -30.14 13.22 14.84
CA PHE A 58 -30.82 13.04 13.55
C PHE A 58 -29.86 13.32 12.37
N GLU A 59 -29.19 14.52 12.38
CA GLU A 59 -28.20 14.98 11.41
C GLU A 59 -27.03 14.00 11.28
N LEU A 60 -26.49 13.56 12.41
CA LEU A 60 -25.39 12.61 12.44
C LEU A 60 -25.79 11.30 11.82
N TRP A 61 -26.97 10.79 12.16
CA TRP A 61 -27.47 9.58 11.54
C TRP A 61 -27.63 9.78 10.02
N ALA A 62 -28.32 10.86 9.59
CA ALA A 62 -28.48 11.16 8.17
C ALA A 62 -27.13 11.26 7.44
N LYS A 63 -26.09 11.79 8.11
CA LYS A 63 -24.75 12.01 7.55
C LYS A 63 -23.75 10.86 7.78
N ARG A 64 -24.25 9.69 8.23
CA ARG A 64 -23.44 8.49 8.45
C ARG A 64 -22.76 7.97 7.17
N ASN A 65 -21.60 7.33 7.32
CA ASN A 65 -20.86 6.73 6.21
C ASN A 65 -21.63 5.49 5.72
N ILE A 66 -22.05 5.52 4.44
CA ILE A 66 -22.83 4.44 3.82
C ILE A 66 -21.97 3.57 2.84
N LYS A 67 -20.64 3.60 3.02
CA LYS A 67 -19.70 2.74 2.28
C LYS A 67 -19.17 1.74 3.30
N PRO A 68 -18.55 0.58 2.92
CA PRO A 68 -18.04 -0.35 3.95
C PRO A 68 -16.97 0.33 4.80
N VAL A 69 -17.14 0.25 6.11
CA VAL A 69 -16.19 0.88 7.03
C VAL A 69 -15.64 -0.13 8.05
N PRO A 70 -14.49 0.17 8.68
CA PRO A 70 -14.00 -0.72 9.75
C PRO A 70 -15.04 -0.85 10.88
N GLU A 71 -15.06 -2.00 11.55
CA GLU A 71 -15.99 -2.20 12.65
C GLU A 71 -15.53 -1.38 13.86
N VAL A 72 -16.47 -0.91 14.69
CA VAL A 72 -16.19 -0.06 15.84
C VAL A 72 -15.13 -0.66 16.76
N LYS A 73 -15.25 -1.96 17.11
CA LYS A 73 -14.23 -2.65 17.92
C LYS A 73 -12.80 -2.39 17.37
N ILE A 74 -12.57 -2.58 16.03
CA ILE A 74 -11.28 -2.31 15.37
C ILE A 74 -10.81 -0.86 15.61
N LEU A 75 -11.70 0.10 15.30
CA LEU A 75 -11.43 1.53 15.45
C LEU A 75 -11.14 1.91 16.87
N ASN A 76 -11.84 1.28 17.82
CA ASN A 76 -11.63 1.50 19.24
C ASN A 76 -10.29 0.96 19.68
N ASN A 77 -9.95 -0.27 19.22
CA ASN A 77 -8.71 -0.96 19.56
C ASN A 77 -7.50 -0.24 19.08
N LEU A 78 -7.65 0.50 17.97
CA LEU A 78 -6.59 1.31 17.38
C LEU A 78 -6.53 2.72 18.00
N GLY A 79 -7.42 2.98 18.95
CA GLY A 79 -7.45 4.21 19.70
C GLY A 79 -8.00 5.41 18.97
N VAL A 80 -9.00 5.19 18.05
CA VAL A 80 -9.63 6.26 17.27
C VAL A 80 -10.52 7.14 18.14
N ASP A 81 -10.32 8.46 18.10
CA ASP A 81 -11.13 9.41 18.90
C ASP A 81 -12.19 10.12 18.06
N ILE A 82 -11.87 10.40 16.79
CA ILE A 82 -12.71 11.17 15.89
C ILE A 82 -12.46 10.71 14.43
N ALA A 83 -13.41 11.03 13.52
CA ALA A 83 -13.32 10.71 12.10
C ALA A 83 -13.18 12.03 11.31
N ALA A 84 -12.40 11.99 10.21
CA ALA A 84 -12.20 13.15 9.38
C ALA A 84 -13.34 13.27 8.36
N ASN A 85 -14.18 14.33 8.52
CA ASN A 85 -15.25 14.68 7.57
C ASN A 85 -16.26 13.56 7.24
N THR A 86 -16.57 12.70 8.20
CA THR A 86 -17.56 11.63 8.09
C THR A 86 -18.07 11.27 9.46
N VAL A 87 -19.15 10.45 9.50
CA VAL A 87 -19.74 9.95 10.74
C VAL A 87 -19.70 8.43 10.65
N ILE A 88 -18.99 7.79 11.59
CA ILE A 88 -19.03 6.35 11.71
C ILE A 88 -20.20 6.08 12.66
N TRP A 89 -21.25 5.41 12.14
CA TRP A 89 -22.42 5.10 12.95
C TRP A 89 -22.23 3.77 13.63
N ASP A 90 -22.45 3.73 14.95
CA ASP A 90 -22.32 2.54 15.78
C ASP A 90 -23.67 1.87 15.86
N TYR A 91 -23.91 0.92 14.99
CA TYR A 91 -25.15 0.16 14.91
C TYR A 91 -25.41 -0.74 16.12
N LYS A 92 -24.38 -1.08 16.91
CA LYS A 92 -24.58 -1.91 18.12
C LYS A 92 -25.15 -1.03 19.22
N ARG A 93 -24.67 0.22 19.30
CA ARG A 93 -25.13 1.18 20.30
C ARG A 93 -26.26 2.08 19.77
N ASP A 94 -26.55 2.00 18.46
CA ASP A 94 -27.52 2.84 17.74
C ASP A 94 -27.26 4.35 18.03
N ALA A 95 -26.01 4.75 17.84
CA ALA A 95 -25.54 6.08 18.15
C ALA A 95 -24.21 6.31 17.43
N PRO A 96 -23.75 7.58 17.25
CA PRO A 96 -22.49 7.78 16.54
C PRO A 96 -21.36 7.14 17.31
N ALA A 97 -20.36 6.57 16.64
CA ALA A 97 -19.23 5.93 17.29
C ALA A 97 -18.37 6.90 18.11
N HIS A 98 -18.32 8.18 17.71
CA HIS A 98 -17.50 9.21 18.37
C HIS A 98 -18.34 10.41 18.77
N ILE A 99 -17.93 11.10 19.85
CA ILE A 99 -18.66 12.26 20.42
C ILE A 99 -18.68 13.46 19.49
N SER A 100 -17.48 13.94 19.14
CA SER A 100 -17.27 15.09 18.30
C SER A 100 -17.09 14.70 16.83
N THR A 101 -17.18 15.71 15.97
CA THR A 101 -17.01 15.57 14.53
C THR A 101 -16.08 16.66 14.02
N ILE A 102 -15.59 16.44 12.78
CA ILE A 102 -14.76 17.36 12.00
C ILE A 102 -15.52 17.61 10.70
N GLY A 103 -15.91 18.87 10.50
CA GLY A 103 -16.62 19.35 9.33
C GLY A 103 -17.86 18.56 8.96
N VAL A 104 -18.72 18.28 9.94
CA VAL A 104 -19.93 17.48 9.71
C VAL A 104 -21.20 18.20 10.22
N CYS A 105 -21.19 18.68 11.44
CA CYS A 105 -22.38 19.25 12.04
C CYS A 105 -21.98 20.45 12.90
N SER A 106 -22.61 21.62 12.68
CA SER A 106 -22.30 22.86 13.45
C SER A 106 -22.34 22.63 14.96
N MET A 107 -23.14 21.66 15.42
CA MET A 107 -23.30 21.37 16.82
C MET A 107 -22.23 20.49 17.44
N THR A 108 -21.70 19.49 16.72
CA THR A 108 -20.71 18.56 17.27
C THR A 108 -19.28 18.77 16.76
N ASP A 109 -19.12 19.63 15.76
CA ASP A 109 -17.80 19.91 15.18
C ASP A 109 -16.91 20.59 16.18
N ILE A 110 -15.66 20.12 16.25
CA ILE A 110 -14.61 20.74 17.04
C ILE A 110 -13.73 21.57 16.11
N ALA A 111 -13.82 21.25 14.80
CA ALA A 111 -13.05 21.81 13.70
C ALA A 111 -13.76 21.54 12.36
N LYS A 112 -13.44 22.34 11.31
CA LYS A 112 -13.96 22.16 9.96
C LYS A 112 -13.03 21.22 9.17
N LYS A 113 -11.73 21.23 9.52
CA LYS A 113 -10.69 20.44 8.88
C LYS A 113 -9.80 19.75 9.93
N PRO A 114 -9.23 18.56 9.64
CA PRO A 114 -8.38 17.88 10.63
C PRO A 114 -7.01 18.54 10.85
N THR A 115 -6.71 19.55 10.02
CA THR A 115 -5.47 20.29 10.08
C THR A 115 -5.51 21.31 11.19
N GLU A 116 -6.70 21.62 11.72
CA GLU A 116 -6.88 22.56 12.84
C GLU A 116 -6.18 22.00 14.08
N THR A 117 -5.49 22.87 14.85
CA THR A 117 -4.65 22.45 15.98
C THR A 117 -5.39 21.66 17.09
N ILE A 118 -6.72 21.84 17.24
CA ILE A 118 -7.49 21.11 18.25
C ILE A 118 -7.49 19.58 18.00
N CYS A 119 -7.32 19.18 16.73
CA CYS A 119 -7.29 17.80 16.27
C CYS A 119 -5.96 17.15 16.53
N ALA A 120 -4.88 17.95 16.60
CA ALA A 120 -3.51 17.46 16.82
C ALA A 120 -3.41 16.39 17.93
N PRO A 121 -3.88 16.62 19.18
CA PRO A 121 -3.80 15.55 20.21
C PRO A 121 -4.74 14.34 20.03
N LEU A 122 -5.67 14.39 19.07
CA LEU A 122 -6.66 13.35 18.82
C LEU A 122 -6.25 12.36 17.74
N THR A 123 -6.65 11.09 17.88
CA THR A 123 -6.39 10.04 16.89
C THR A 123 -7.51 10.10 15.85
N VAL A 124 -7.25 10.78 14.74
CA VAL A 124 -8.18 11.03 13.66
C VAL A 124 -8.20 9.88 12.66
N PHE A 125 -9.41 9.38 12.32
CA PHE A 125 -9.58 8.33 11.35
C PHE A 125 -9.68 8.95 9.96
N PHE A 126 -8.80 8.50 9.07
CA PHE A 126 -8.76 8.94 7.68
C PHE A 126 -9.13 7.78 6.76
N ASP A 127 -9.88 8.07 5.71
CA ASP A 127 -10.29 7.09 4.72
C ASP A 127 -9.60 7.45 3.40
N GLY A 128 -8.62 6.63 3.03
CA GLY A 128 -7.85 6.77 1.79
C GLY A 128 -8.64 6.71 0.50
N ARG A 129 -9.91 6.26 0.57
CA ARG A 129 -10.81 6.22 -0.56
C ARG A 129 -11.33 7.62 -0.90
N VAL A 130 -11.32 8.54 0.07
CA VAL A 130 -11.73 9.94 -0.09
C VAL A 130 -10.49 10.74 -0.49
N ASP A 131 -10.63 11.65 -1.46
CA ASP A 131 -9.51 12.46 -1.97
C ASP A 131 -8.94 13.42 -0.93
N GLY A 132 -7.61 13.46 -0.90
CA GLY A 132 -6.82 14.30 -0.01
C GLY A 132 -6.63 13.77 1.39
N GLN A 133 -7.36 12.66 1.76
CA GLN A 133 -7.32 12.03 3.07
C GLN A 133 -6.01 11.38 3.44
N VAL A 134 -5.33 10.76 2.47
CA VAL A 134 -4.00 10.18 2.68
C VAL A 134 -3.02 11.32 3.06
N ASP A 135 -2.99 12.42 2.25
CA ASP A 135 -2.13 13.57 2.56
C ASP A 135 -2.41 14.20 3.91
N LEU A 136 -3.68 14.18 4.33
CA LEU A 136 -4.08 14.71 5.62
C LEU A 136 -3.53 13.84 6.77
N PHE A 137 -3.49 12.51 6.58
CA PHE A 137 -2.96 11.57 7.57
C PHE A 137 -1.44 11.84 7.75
N ARG A 138 -0.74 12.08 6.63
CA ARG A 138 0.66 12.44 6.58
C ARG A 138 0.94 13.73 7.34
N ASN A 139 0.00 14.66 7.36
CA ASN A 139 0.23 15.92 8.05
C ASN A 139 -0.34 15.93 9.48
N ALA A 140 -1.08 14.87 9.88
CA ALA A 140 -1.66 14.71 11.23
C ALA A 140 -0.63 14.20 12.25
N ARG A 141 -0.71 14.70 13.50
CA ARG A 141 0.15 14.29 14.61
C ARG A 141 -0.23 12.86 15.01
N ASN A 142 -1.51 12.61 15.27
CA ASN A 142 -2.03 11.29 15.61
C ASN A 142 -3.14 10.95 14.63
N GLY A 143 -3.20 9.70 14.18
CA GLY A 143 -4.24 9.21 13.28
C GLY A 143 -4.15 7.75 12.90
N VAL A 144 -5.25 7.25 12.30
CA VAL A 144 -5.39 5.90 11.75
C VAL A 144 -5.89 6.10 10.32
N LEU A 145 -5.28 5.40 9.35
CA LEU A 145 -5.68 5.49 7.94
C LEU A 145 -5.99 4.10 7.39
N ILE A 146 -7.07 4.00 6.60
CA ILE A 146 -7.44 2.79 5.86
C ILE A 146 -7.28 3.11 4.37
N THR A 147 -6.79 2.16 3.58
CA THR A 147 -6.66 2.30 2.12
C THR A 147 -6.96 0.94 1.47
N GLU A 148 -7.36 0.99 0.19
CA GLU A 148 -7.63 -0.22 -0.56
C GLU A 148 -6.33 -0.73 -1.19
N GLY A 149 -5.35 0.16 -1.37
CA GLY A 149 -4.06 -0.16 -1.97
C GLY A 149 -2.84 0.36 -1.24
N SER A 150 -1.68 0.30 -1.91
CA SER A 150 -0.40 0.76 -1.36
C SER A 150 -0.34 2.28 -1.20
N VAL A 151 0.39 2.72 -0.17
CA VAL A 151 0.65 4.13 0.12
C VAL A 151 2.19 4.28 0.08
N LYS A 152 2.71 5.11 -0.83
CA LYS A 152 4.15 5.23 -1.03
C LYS A 152 4.96 5.59 0.26
N GLY A 153 5.92 4.72 0.59
CA GLY A 153 6.80 4.86 1.75
C GLY A 153 6.31 4.26 3.04
N LEU A 154 4.97 4.10 3.17
CA LEU A 154 4.30 3.53 4.34
C LEU A 154 4.13 2.03 4.26
N GLN A 155 4.50 1.37 5.36
CA GLN A 155 4.43 -0.07 5.60
C GLN A 155 3.00 -0.43 6.05
N PRO A 156 2.22 -1.22 5.26
CA PRO A 156 0.84 -1.49 5.68
C PRO A 156 0.67 -2.56 6.75
N SER A 157 -0.57 -2.72 7.20
CA SER A 157 -1.03 -3.75 8.09
C SER A 157 -2.32 -4.24 7.46
N VAL A 158 -2.33 -5.51 6.98
CA VAL A 158 -3.52 -6.07 6.32
C VAL A 158 -4.56 -6.34 7.39
N GLY A 159 -5.71 -5.66 7.28
CA GLY A 159 -6.77 -5.75 8.27
C GLY A 159 -7.72 -6.93 8.10
N PRO A 160 -8.89 -6.90 8.79
CA PRO A 160 -9.84 -8.02 8.68
C PRO A 160 -10.38 -8.22 7.27
N LYS A 161 -10.86 -9.43 6.96
CA LYS A 161 -11.46 -9.71 5.66
C LYS A 161 -12.79 -9.00 5.56
N GLN A 162 -13.48 -8.85 6.71
CA GLN A 162 -14.79 -8.22 6.83
C GLN A 162 -14.78 -6.75 7.25
N ALA A 163 -15.87 -6.06 6.94
CA ALA A 163 -16.11 -4.67 7.27
C ALA A 163 -17.62 -4.48 7.38
N SER A 164 -18.05 -3.37 8.00
CA SER A 164 -19.46 -3.04 8.24
C SER A 164 -20.02 -2.16 7.13
N LEU A 165 -21.09 -2.60 6.46
CA LEU A 165 -21.77 -1.80 5.45
C LEU A 165 -23.20 -1.61 5.94
N ASN A 166 -23.50 -0.40 6.45
CA ASN A 166 -24.81 -0.03 6.98
C ASN A 166 -25.27 -0.98 8.06
N GLY A 167 -24.38 -1.23 9.01
CA GLY A 167 -24.65 -2.14 10.12
C GLY A 167 -24.63 -3.60 9.76
N VAL A 168 -24.34 -3.94 8.50
CA VAL A 168 -24.27 -5.34 8.08
C VAL A 168 -22.80 -5.68 8.00
N THR A 169 -22.30 -6.55 8.88
CA THR A 169 -20.91 -6.97 8.77
C THR A 169 -20.81 -8.07 7.69
N LEU A 170 -19.88 -7.91 6.76
CA LEU A 170 -19.73 -8.85 5.65
C LEU A 170 -18.34 -8.83 5.02
N ILE A 171 -18.03 -9.86 4.26
CA ILE A 171 -16.83 -9.95 3.45
C ILE A 171 -17.35 -9.63 2.04
N GLY A 172 -16.98 -8.45 1.56
CA GLY A 172 -17.43 -7.91 0.28
C GLY A 172 -17.08 -8.74 -0.93
N GLU A 173 -18.08 -8.88 -1.84
CA GLU A 173 -17.92 -9.57 -3.12
C GLU A 173 -18.05 -8.50 -4.22
N ALA A 174 -19.10 -7.69 -4.14
CA ALA A 174 -19.36 -6.60 -5.09
C ALA A 174 -18.65 -5.33 -4.66
N VAL A 175 -18.11 -5.31 -3.43
CA VAL A 175 -17.41 -4.18 -2.82
C VAL A 175 -16.14 -4.65 -2.11
N LYS A 176 -15.16 -3.76 -1.90
CA LYS A 176 -13.94 -4.10 -1.16
C LYS A 176 -14.17 -3.83 0.34
N THR A 177 -13.96 -4.87 1.18
CA THR A 177 -14.08 -4.79 2.66
C THR A 177 -12.72 -4.95 3.38
N GLN A 178 -11.67 -5.47 2.66
CA GLN A 178 -10.31 -5.64 3.19
C GLN A 178 -9.48 -4.37 3.00
N PHE A 179 -9.02 -3.80 4.12
CA PHE A 179 -8.24 -2.57 4.04
C PHE A 179 -6.84 -2.71 4.57
N ASN A 180 -6.00 -1.76 4.18
CA ASN A 180 -4.63 -1.59 4.67
C ASN A 180 -4.75 -0.61 5.80
N TYR A 181 -4.11 -0.89 6.92
CA TYR A 181 -4.17 -0.03 8.11
C TYR A 181 -2.84 0.61 8.38
N TYR A 182 -2.88 1.90 8.76
CA TYR A 182 -1.71 2.69 9.14
C TYR A 182 -2.04 3.46 10.42
N LYS A 183 -1.06 3.64 11.31
CA LYS A 183 -1.28 4.38 12.55
C LYS A 183 -0.07 5.29 12.85
N LYS A 184 -0.35 6.49 13.35
CA LYS A 184 0.63 7.51 13.73
C LYS A 184 0.35 7.90 15.18
N VAL A 185 1.43 8.10 15.97
CA VAL A 185 1.39 8.54 17.37
C VAL A 185 2.50 9.60 17.55
N ASP A 186 2.10 10.78 18.03
CA ASP A 186 2.92 11.98 18.26
C ASP A 186 3.86 12.26 17.06
N GLY A 187 3.22 12.25 15.89
CA GLY A 187 3.82 12.51 14.57
C GLY A 187 4.58 11.35 13.97
N VAL A 188 4.70 10.24 14.69
CA VAL A 188 5.51 9.12 14.23
C VAL A 188 4.65 7.96 13.79
N VAL A 189 4.94 7.40 12.59
CA VAL A 189 4.24 6.20 12.09
C VAL A 189 4.62 5.04 13.01
N GLN A 190 3.61 4.40 13.58
CA GLN A 190 3.75 3.28 14.48
C GLN A 190 3.53 1.98 13.75
N GLN A 191 4.37 0.98 14.05
CA GLN A 191 4.30 -0.36 13.48
C GLN A 191 3.17 -1.10 14.18
N LEU A 192 2.15 -1.47 13.42
CA LEU A 192 0.98 -2.19 13.99
C LEU A 192 1.36 -3.63 14.24
N PRO A 193 0.96 -4.24 15.38
CA PRO A 193 1.31 -5.62 15.67
C PRO A 193 0.75 -6.72 14.76
N GLU A 194 1.35 -7.90 14.86
CA GLU A 194 0.86 -9.07 14.12
C GLU A 194 -0.37 -9.52 14.89
N THR A 195 -1.43 -9.89 14.21
CA THR A 195 -2.66 -10.12 15.01
C THR A 195 -3.59 -11.14 14.39
N TYR A 196 -4.44 -11.69 15.25
CA TYR A 196 -5.52 -12.58 14.87
C TYR A 196 -6.70 -11.64 14.75
N PHE A 197 -7.74 -12.08 14.04
CA PHE A 197 -8.94 -11.29 13.88
C PHE A 197 -10.19 -12.09 14.29
N THR A 198 -11.14 -11.42 14.98
CA THR A 198 -12.43 -12.04 15.34
C THR A 198 -13.26 -12.08 14.06
N GLN A 199 -14.11 -13.11 13.93
CA GLN A 199 -14.89 -13.36 12.73
C GLN A 199 -16.19 -12.59 12.63
N SER A 200 -16.60 -11.88 13.69
CA SER A 200 -17.81 -11.01 13.73
C SER A 200 -19.11 -11.70 13.27
N ARG A 201 -19.28 -12.98 13.65
CA ARG A 201 -20.45 -13.79 13.31
C ARG A 201 -21.59 -13.71 14.36
N ASN A 202 -22.81 -14.12 13.96
CA ASN A 202 -23.99 -14.15 14.84
C ASN A 202 -24.25 -15.56 15.32
N LEU A 203 -24.79 -15.68 16.55
CA LEU A 203 -25.12 -16.95 17.19
C LEU A 203 -26.18 -17.76 16.40
N GLN A 204 -27.21 -17.06 15.89
CA GLN A 204 -28.35 -17.65 15.18
C GLN A 204 -28.04 -18.06 13.72
N GLU A 205 -27.25 -17.27 12.98
CA GLU A 205 -26.96 -17.57 11.57
C GLU A 205 -25.47 -17.83 11.36
N PHE A 206 -24.90 -18.74 12.19
CA PHE A 206 -23.49 -19.06 12.15
C PHE A 206 -23.05 -19.82 10.92
N LYS A 207 -22.02 -19.28 10.25
CA LYS A 207 -21.48 -19.88 9.05
C LYS A 207 -20.04 -20.33 9.27
N PRO A 208 -19.76 -21.67 9.21
CA PRO A 208 -18.36 -22.15 9.34
C PRO A 208 -17.47 -21.60 8.20
N ARG A 209 -16.24 -21.19 8.52
CA ARG A 209 -15.35 -20.58 7.55
C ARG A 209 -14.05 -21.40 7.30
N SER A 210 -14.05 -22.67 7.74
CA SER A 210 -12.93 -23.62 7.57
C SER A 210 -13.48 -25.04 7.61
N GLN A 211 -12.70 -26.04 7.15
CA GLN A 211 -13.09 -27.45 7.19
C GLN A 211 -13.24 -27.93 8.65
N MET A 212 -12.33 -27.47 9.53
CA MET A 212 -12.32 -27.78 10.97
C MET A 212 -13.66 -27.36 11.60
N GLU A 213 -14.14 -26.14 11.30
CA GLU A 213 -15.42 -25.59 11.77
C GLU A 213 -16.61 -26.40 11.23
N ILE A 214 -16.57 -26.78 9.95
CA ILE A 214 -17.57 -27.65 9.29
C ILE A 214 -17.63 -28.96 10.11
N ASP A 215 -16.44 -29.51 10.45
CA ASP A 215 -16.30 -30.74 11.24
C ASP A 215 -16.78 -30.62 12.67
N PHE A 216 -16.57 -29.45 13.28
CA PHE A 216 -16.98 -29.28 14.70
C PHE A 216 -18.49 -29.34 14.86
N LEU A 217 -19.21 -28.55 14.08
CA LEU A 217 -20.66 -28.44 14.12
C LEU A 217 -21.42 -29.73 13.74
N GLU A 218 -20.75 -30.67 13.02
CA GLU A 218 -21.37 -31.90 12.55
C GLU A 218 -20.92 -33.13 13.32
N LEU A 219 -19.61 -33.28 13.59
CA LEU A 219 -19.09 -34.43 14.35
C LEU A 219 -19.41 -34.31 15.84
N ALA A 220 -19.38 -35.47 16.52
CA ALA A 220 -19.60 -35.58 17.96
C ALA A 220 -18.34 -35.11 18.68
N MET A 221 -18.50 -34.62 19.91
CA MET A 221 -17.38 -34.05 20.72
C MET A 221 -16.15 -34.95 20.69
N ASP A 222 -16.32 -36.22 21.04
CA ASP A 222 -15.27 -37.23 21.10
C ASP A 222 -14.62 -37.51 19.74
N GLU A 223 -15.44 -37.56 18.67
CA GLU A 223 -15.01 -37.79 17.29
C GLU A 223 -14.10 -36.64 16.80
N PHE A 224 -14.53 -35.42 17.08
CA PHE A 224 -13.78 -34.20 16.67
C PHE A 224 -12.43 -34.16 17.40
N ILE A 225 -12.47 -34.29 18.71
CA ILE A 225 -11.24 -34.22 19.53
C ILE A 225 -10.20 -35.22 19.02
N GLU A 226 -10.65 -36.46 18.70
CA GLU A 226 -9.78 -37.50 18.16
C GLU A 226 -9.25 -37.14 16.76
N ARG A 227 -10.14 -36.67 15.83
CA ARG A 227 -9.77 -36.27 14.45
C ARG A 227 -8.71 -35.16 14.42
N TYR A 228 -8.89 -34.11 15.25
CA TYR A 228 -7.95 -33.00 15.29
C TYR A 228 -6.91 -33.08 16.43
N LYS A 229 -6.76 -34.30 17.00
CA LYS A 229 -5.83 -34.66 18.07
C LYS A 229 -5.76 -33.55 19.16
N LEU A 230 -6.91 -33.28 19.79
CA LEU A 230 -7.06 -32.25 20.83
C LEU A 230 -7.21 -32.79 22.26
N GLU A 231 -6.71 -34.01 22.51
CA GLU A 231 -6.74 -34.65 23.82
C GLU A 231 -5.88 -33.87 24.83
N GLY A 232 -6.43 -33.64 26.01
CA GLY A 232 -5.77 -32.93 27.10
C GLY A 232 -5.76 -31.42 27.01
N TYR A 233 -6.49 -30.86 26.01
CA TYR A 233 -6.62 -29.43 25.77
C TYR A 233 -7.92 -28.84 26.33
N ALA A 234 -8.72 -29.68 27.05
CA ALA A 234 -10.00 -29.35 27.70
C ALA A 234 -11.03 -28.68 26.77
N PHE A 235 -11.01 -29.09 25.52
CA PHE A 235 -11.92 -28.54 24.49
C PHE A 235 -13.36 -28.82 24.87
N GLU A 236 -13.61 -29.99 25.46
CA GLU A 236 -14.99 -30.38 25.85
C GLU A 236 -15.59 -29.26 26.69
N HIS A 237 -14.88 -28.86 27.74
CA HIS A 237 -15.21 -27.79 28.66
C HIS A 237 -15.13 -26.39 28.03
N ILE A 238 -13.96 -26.02 27.46
CA ILE A 238 -13.69 -24.68 26.90
C ILE A 238 -14.65 -24.29 25.78
N VAL A 239 -14.66 -25.06 24.70
CA VAL A 239 -15.46 -24.72 23.50
C VAL A 239 -16.92 -25.15 23.63
N TYR A 240 -17.14 -26.42 23.98
CA TYR A 240 -18.50 -26.99 24.05
C TYR A 240 -19.25 -26.55 25.30
N GLY A 241 -18.58 -26.46 26.44
CA GLY A 241 -19.26 -26.06 27.67
C GLY A 241 -19.81 -27.23 28.46
N ASP A 242 -19.81 -27.08 29.77
CA ASP A 242 -20.28 -28.04 30.77
C ASP A 242 -21.57 -27.50 31.43
N PHE A 243 -22.69 -28.20 31.24
CA PHE A 243 -24.01 -27.74 31.75
C PHE A 243 -24.55 -28.66 32.85
N SER A 244 -23.71 -29.51 33.41
CA SER A 244 -24.10 -30.45 34.48
C SER A 244 -24.26 -29.82 35.88
N HIS A 245 -23.66 -28.65 36.14
CA HIS A 245 -23.75 -27.97 37.43
C HIS A 245 -24.56 -26.69 37.36
N SER A 246 -24.95 -26.13 38.52
CA SER A 246 -25.74 -24.90 38.61
C SER A 246 -25.03 -23.75 37.91
N GLN A 247 -23.70 -23.69 38.07
CA GLN A 247 -22.83 -22.72 37.44
C GLN A 247 -22.33 -23.32 36.08
N LEU A 248 -22.50 -22.57 35.00
CA LEU A 248 -22.12 -22.99 33.65
C LEU A 248 -20.60 -23.06 33.53
N GLY A 249 -20.10 -24.17 32.96
CA GLY A 249 -18.67 -24.38 32.75
C GLY A 249 -18.21 -24.09 31.33
N GLY A 250 -17.16 -23.28 31.21
CA GLY A 250 -16.57 -22.95 29.92
C GLY A 250 -17.50 -22.22 28.98
N LEU A 251 -17.57 -22.68 27.73
CA LEU A 251 -18.38 -22.13 26.61
C LEU A 251 -17.90 -20.69 26.33
N HIS A 252 -16.68 -20.58 25.81
CA HIS A 252 -16.01 -19.31 25.56
C HIS A 252 -15.75 -19.00 24.10
N LEU A 253 -16.15 -19.90 23.20
CA LEU A 253 -15.98 -19.74 21.74
C LEU A 253 -17.35 -19.68 21.09
N LEU A 254 -17.63 -18.63 20.27
CA LEU A 254 -18.93 -18.44 19.63
C LEU A 254 -19.42 -19.68 18.86
N ILE A 255 -18.53 -20.36 18.14
CA ILE A 255 -18.90 -21.58 17.43
C ILE A 255 -19.61 -22.59 18.39
N GLY A 256 -19.09 -22.74 19.60
CA GLY A 256 -19.59 -23.63 20.64
C GLY A 256 -21.00 -23.28 21.04
N LEU A 257 -21.26 -22.00 21.26
CA LEU A 257 -22.57 -21.44 21.59
C LEU A 257 -23.53 -21.70 20.44
N ALA A 258 -23.08 -21.43 19.21
CA ALA A 258 -23.82 -21.63 17.98
C ALA A 258 -24.27 -23.09 17.81
N LYS A 259 -23.38 -24.07 18.15
CA LYS A 259 -23.68 -25.50 18.09
C LYS A 259 -24.77 -25.83 19.09
N ARG A 260 -24.61 -25.38 20.35
CA ARG A 260 -25.56 -25.61 21.44
C ARG A 260 -26.92 -25.01 21.09
N PHE A 261 -26.93 -23.78 20.57
CA PHE A 261 -28.12 -23.04 20.19
C PHE A 261 -29.04 -23.77 19.17
N LYS A 262 -28.45 -24.46 18.17
CA LYS A 262 -29.21 -25.21 17.18
C LYS A 262 -29.97 -26.35 17.88
N GLU A 263 -29.28 -27.06 18.77
CA GLU A 263 -29.86 -28.20 19.52
C GLU A 263 -30.87 -27.73 20.56
N SER A 264 -30.43 -26.91 21.51
CA SER A 264 -31.26 -26.40 22.61
C SER A 264 -31.02 -24.91 22.82
N PRO A 265 -32.09 -24.08 22.79
CA PRO A 265 -31.89 -22.63 22.99
C PRO A 265 -31.61 -22.26 24.45
N PHE A 266 -30.97 -21.09 24.64
CA PHE A 266 -30.61 -20.49 25.93
C PHE A 266 -30.74 -18.98 25.82
N GLU A 267 -30.77 -18.30 26.98
CA GLU A 267 -30.88 -16.84 27.09
C GLU A 267 -29.49 -16.23 27.24
N LEU A 268 -29.16 -15.26 26.36
CA LEU A 268 -27.89 -14.49 26.37
C LEU A 268 -28.23 -13.07 26.71
N GLU A 269 -27.92 -12.65 27.93
CA GLU A 269 -28.18 -11.28 28.34
C GLU A 269 -26.88 -10.49 28.12
N ASP A 270 -26.92 -9.61 27.13
CA ASP A 270 -25.81 -8.75 26.71
C ASP A 270 -25.87 -7.45 27.53
N PHE A 271 -25.36 -7.52 28.78
CA PHE A 271 -25.47 -6.43 29.76
C PHE A 271 -24.64 -5.15 29.43
N ILE A 272 -23.56 -5.26 28.61
CA ILE A 272 -22.82 -4.08 28.15
C ILE A 272 -22.98 -4.10 26.60
N PRO A 273 -24.12 -3.57 26.07
CA PRO A 273 -24.38 -3.68 24.61
C PRO A 273 -23.56 -2.70 23.76
N MET A 274 -22.42 -3.19 23.30
CA MET A 274 -21.48 -2.42 22.51
C MET A 274 -20.65 -3.38 21.69
N ASP A 275 -19.92 -2.85 20.70
CA ASP A 275 -19.06 -3.67 19.87
C ASP A 275 -17.70 -3.81 20.58
N SER A 276 -17.27 -5.05 20.82
CA SER A 276 -15.95 -5.32 21.43
C SER A 276 -15.43 -6.70 21.01
N THR A 277 -14.09 -6.88 21.07
CA THR A 277 -13.37 -8.11 20.71
C THR A 277 -13.85 -9.29 21.55
N VAL A 278 -13.90 -9.09 22.89
CA VAL A 278 -14.40 -10.07 23.85
C VAL A 278 -15.77 -9.55 24.31
N LYS A 279 -16.77 -10.44 24.29
CA LYS A 279 -18.12 -10.13 24.74
C LYS A 279 -18.45 -10.92 26.00
N ASN A 280 -19.12 -10.28 26.94
CA ASN A 280 -19.55 -10.91 28.18
C ASN A 280 -21.05 -11.05 28.19
N TYR A 281 -21.53 -12.25 28.51
CA TYR A 281 -22.96 -12.50 28.55
C TYR A 281 -23.38 -13.14 29.81
N PHE A 282 -24.62 -12.87 30.22
CA PHE A 282 -25.26 -13.53 31.35
C PHE A 282 -26.04 -14.65 30.68
N ILE A 283 -25.55 -15.88 30.82
CA ILE A 283 -26.15 -17.01 30.13
C ILE A 283 -27.00 -17.86 31.09
N THR A 284 -28.19 -18.26 30.62
CA THR A 284 -29.10 -19.15 31.34
C THR A 284 -29.50 -20.22 30.34
N ASP A 285 -29.15 -21.48 30.61
CA ASP A 285 -29.51 -22.56 29.69
C ASP A 285 -30.88 -23.10 30.03
N ALA A 286 -31.83 -22.94 29.11
CA ALA A 286 -33.24 -23.36 29.26
C ALA A 286 -33.46 -24.82 29.61
N GLN A 287 -32.69 -25.73 29.01
CA GLN A 287 -32.84 -27.16 29.23
C GLN A 287 -32.47 -27.63 30.63
N THR A 288 -31.27 -27.27 31.09
CA THR A 288 -30.67 -27.68 32.36
C THR A 288 -30.90 -26.74 33.54
N GLY A 289 -30.97 -25.45 33.26
CA GLY A 289 -31.05 -24.43 34.29
C GLY A 289 -29.65 -23.98 34.70
N SER A 290 -28.61 -24.45 33.98
CA SER A 290 -27.23 -24.09 34.22
C SER A 290 -27.02 -22.63 33.82
N SER A 291 -26.38 -21.81 34.68
CA SER A 291 -26.19 -20.38 34.35
C SER A 291 -24.83 -19.79 34.79
N LYS A 292 -24.49 -18.62 34.25
CA LYS A 292 -23.25 -17.89 34.55
C LYS A 292 -23.49 -16.39 34.30
N CYS A 293 -23.15 -15.54 35.29
CA CYS A 293 -23.30 -14.10 35.23
C CYS A 293 -22.43 -13.49 34.17
N VAL A 294 -21.13 -13.74 34.25
CA VAL A 294 -20.18 -13.20 33.29
C VAL A 294 -19.60 -14.36 32.51
N CYS A 295 -20.02 -14.48 31.27
CA CYS A 295 -19.47 -15.53 30.42
C CYS A 295 -18.76 -14.89 29.24
N SER A 296 -17.41 -14.89 29.25
CA SER A 296 -16.58 -14.32 28.19
C SER A 296 -16.59 -15.20 26.96
N VAL A 297 -17.00 -14.62 25.84
CA VAL A 297 -17.15 -15.28 24.54
C VAL A 297 -16.35 -14.49 23.53
N ILE A 298 -15.47 -15.19 22.79
CA ILE A 298 -14.67 -14.69 21.67
C ILE A 298 -15.05 -15.44 20.38
N ASP A 299 -15.06 -14.75 19.22
CA ASP A 299 -15.35 -15.38 17.93
C ASP A 299 -14.09 -15.48 17.09
N LEU A 300 -13.29 -16.49 17.37
CA LEU A 300 -12.07 -16.74 16.62
C LEU A 300 -12.35 -17.92 15.71
N LEU A 301 -11.75 -17.93 14.53
CA LEU A 301 -11.85 -19.08 13.65
C LEU A 301 -11.24 -20.24 14.46
N LEU A 302 -11.98 -21.36 14.60
CA LEU A 302 -11.53 -22.52 15.38
C LEU A 302 -10.03 -22.87 15.23
N ASP A 303 -9.54 -22.91 13.98
CA ASP A 303 -8.15 -23.19 13.61
C ASP A 303 -7.17 -22.23 14.30
N ASP A 304 -7.58 -20.96 14.46
CA ASP A 304 -6.80 -19.92 15.14
C ASP A 304 -6.77 -20.17 16.63
N PHE A 305 -7.92 -20.55 17.20
CA PHE A 305 -8.02 -20.88 18.62
C PHE A 305 -7.18 -22.12 18.93
N VAL A 306 -7.24 -23.15 18.06
CA VAL A 306 -6.48 -24.40 18.16
C VAL A 306 -4.99 -24.10 18.13
N GLU A 307 -4.57 -23.14 17.25
CA GLU A 307 -3.19 -22.66 17.13
C GLU A 307 -2.73 -21.99 18.44
N ILE A 308 -3.55 -21.08 19.00
CA ILE A 308 -3.24 -20.39 20.25
C ILE A 308 -3.08 -21.39 21.40
N ILE A 309 -4.11 -22.24 21.65
CA ILE A 309 -4.10 -23.20 22.75
C ILE A 309 -2.94 -24.21 22.62
N LYS A 310 -2.62 -24.68 21.40
CA LYS A 310 -1.52 -25.64 21.20
C LYS A 310 -0.13 -25.01 21.33
N SER A 311 -0.03 -23.68 21.13
CA SER A 311 1.22 -22.92 21.24
C SER A 311 1.55 -22.50 22.69
N GLN A 312 0.86 -23.09 23.69
CA GLN A 312 1.04 -22.76 25.11
C GLN A 312 1.80 -23.81 25.89
N ASP A 313 2.52 -23.33 26.92
CA ASP A 313 3.27 -24.16 27.86
C ASP A 313 2.28 -24.58 28.96
N LEU A 314 2.09 -25.91 29.11
CA LEU A 314 1.13 -26.55 30.02
C LEU A 314 1.73 -26.98 31.36
N SER A 315 2.88 -26.40 31.76
CA SER A 315 3.60 -26.82 32.97
C SER A 315 3.33 -25.99 34.27
N VAL A 316 2.36 -25.06 34.26
CA VAL A 316 2.06 -24.25 35.44
C VAL A 316 0.56 -24.28 35.80
N VAL A 317 0.23 -24.15 37.12
CA VAL A 317 -1.14 -24.17 37.64
C VAL A 317 -2.00 -23.02 37.04
N SER A 318 -1.60 -21.74 37.23
CA SER A 318 -2.33 -20.59 36.66
C SER A 318 -1.35 -19.59 36.05
N LYS A 319 -1.75 -19.01 34.91
CA LYS A 319 -0.90 -18.10 34.14
C LYS A 319 -1.74 -17.21 33.25
N VAL A 320 -1.33 -15.93 33.12
CA VAL A 320 -1.97 -14.99 32.21
C VAL A 320 -1.24 -15.12 30.86
N VAL A 321 -2.00 -15.36 29.79
CA VAL A 321 -1.49 -15.50 28.43
C VAL A 321 -2.02 -14.29 27.63
N LYS A 322 -1.13 -13.57 26.93
CA LYS A 322 -1.53 -12.40 26.18
C LYS A 322 -1.53 -12.68 24.68
N VAL A 323 -2.67 -12.43 24.00
CA VAL A 323 -2.81 -12.69 22.57
C VAL A 323 -3.30 -11.42 21.87
N THR A 324 -2.63 -11.06 20.75
CA THR A 324 -3.03 -9.90 19.96
C THR A 324 -4.12 -10.36 19.00
N ILE A 325 -5.31 -9.83 19.26
CA ILE A 325 -6.56 -10.05 18.55
C ILE A 325 -7.13 -8.67 18.29
N ASP A 326 -7.54 -8.43 17.03
CA ASP A 326 -8.12 -7.19 16.57
C ASP A 326 -7.28 -5.98 16.98
N TYR A 327 -5.94 -6.06 16.78
CA TYR A 327 -4.93 -5.03 17.11
C TYR A 327 -4.79 -4.71 18.61
N THR A 328 -5.48 -5.45 19.50
CA THR A 328 -5.39 -5.20 20.94
C THR A 328 -4.86 -6.43 21.70
N GLU A 329 -4.37 -6.20 22.93
CA GLU A 329 -3.84 -7.27 23.77
C GLU A 329 -4.93 -7.87 24.61
N ILE A 330 -5.31 -9.12 24.30
CA ILE A 330 -6.34 -9.86 25.01
C ILE A 330 -5.66 -10.84 25.99
N SER A 331 -5.96 -10.61 27.27
CA SER A 331 -5.47 -11.43 28.42
C SER A 331 -6.35 -12.68 28.54
N PHE A 332 -5.73 -13.83 28.46
CA PHE A 332 -6.39 -15.12 28.63
C PHE A 332 -5.90 -15.71 29.92
N MET A 333 -6.76 -16.47 30.57
CA MET A 333 -6.38 -17.09 31.81
C MET A 333 -6.20 -18.57 31.54
N LEU A 334 -4.96 -19.06 31.67
CA LEU A 334 -4.66 -20.47 31.43
C LEU A 334 -4.46 -21.25 32.73
N TRP A 335 -5.32 -22.25 32.95
CA TRP A 335 -5.31 -23.13 34.11
C TRP A 335 -4.96 -24.53 33.68
N CYS A 336 -3.90 -25.10 34.30
CA CYS A 336 -3.43 -26.46 33.98
C CYS A 336 -3.33 -27.34 35.23
N LYS A 337 -3.22 -28.65 35.01
CA LYS A 337 -3.04 -29.67 36.05
C LYS A 337 -2.35 -30.83 35.37
N ASP A 338 -1.25 -31.31 35.96
CA ASP A 338 -0.46 -32.45 35.50
C ASP A 338 -0.22 -32.50 33.97
N GLY A 339 0.13 -31.34 33.40
CA GLY A 339 0.48 -31.20 31.99
C GLY A 339 -0.64 -31.20 30.96
N HIS A 340 -1.88 -31.00 31.42
CA HIS A 340 -3.04 -30.89 30.56
C HIS A 340 -3.84 -29.66 30.95
N VAL A 341 -4.55 -29.06 29.98
CA VAL A 341 -5.37 -27.86 30.20
C VAL A 341 -6.56 -28.25 31.07
N GLU A 342 -6.94 -27.36 31.98
CA GLU A 342 -8.13 -27.51 32.81
C GLU A 342 -9.19 -26.56 32.22
N THR A 343 -8.76 -25.31 31.94
CA THR A 343 -9.52 -24.25 31.28
C THR A 343 -8.58 -23.17 30.69
N PHE A 344 -9.09 -22.45 29.71
CA PHE A 344 -8.36 -21.38 28.99
C PHE A 344 -9.41 -20.39 28.52
N TYR A 345 -9.65 -19.34 29.30
CA TYR A 345 -10.71 -18.41 28.89
C TYR A 345 -10.17 -17.00 28.71
N PRO A 346 -10.85 -16.19 27.86
CA PRO A 346 -10.46 -14.82 27.63
C PRO A 346 -10.97 -13.94 28.77
N LYS A 347 -10.42 -12.74 28.90
CA LYS A 347 -10.90 -11.83 29.96
C LYS A 347 -11.30 -10.50 29.33
N LEU A 348 -12.57 -10.12 29.47
CA LEU A 348 -13.00 -8.77 29.04
C LEU A 348 -12.46 -7.77 30.05
N GLN A 349 -11.29 -7.21 29.71
CA GLN A 349 -10.61 -6.16 30.50
C GLN A 349 -10.53 -4.95 29.57
N ALA B 2 12.95 -3.45 -48.64
CA ALA B 2 14.28 -3.49 -49.22
C ALA B 2 15.37 -3.20 -48.20
N MET B 3 15.44 -4.06 -47.16
CA MET B 3 16.42 -3.94 -46.07
C MET B 3 17.77 -4.61 -46.41
N SER B 4 18.88 -3.86 -46.17
CA SER B 4 20.26 -4.25 -46.42
C SER B 4 21.25 -3.48 -45.57
N LEU B 5 22.46 -4.05 -45.41
CA LEU B 5 23.53 -3.42 -44.64
C LEU B 5 23.94 -2.06 -45.18
N GLU B 6 24.21 -1.99 -46.50
CA GLU B 6 24.64 -0.82 -47.26
C GLU B 6 23.57 0.30 -47.25
N ASN B 7 22.30 -0.09 -47.21
CA ASN B 7 21.20 0.87 -47.15
C ASN B 7 21.12 1.50 -45.76
N VAL B 8 21.33 0.69 -44.70
CA VAL B 8 21.33 1.17 -43.33
C VAL B 8 22.49 2.21 -43.18
N ALA B 9 23.70 1.86 -43.64
CA ALA B 9 24.90 2.72 -43.61
C ALA B 9 24.67 4.00 -44.41
N PHE B 10 23.95 3.92 -45.55
CA PHE B 10 23.64 5.07 -46.38
C PHE B 10 22.84 6.10 -45.57
N ASN B 11 21.87 5.59 -44.80
CA ASN B 11 20.99 6.36 -43.95
C ASN B 11 21.76 6.98 -42.79
N VAL B 12 22.66 6.23 -42.16
CA VAL B 12 23.47 6.74 -41.06
C VAL B 12 24.30 7.94 -41.55
N VAL B 13 25.02 7.77 -42.67
CA VAL B 13 25.90 8.77 -43.27
C VAL B 13 25.12 10.01 -43.68
N ASN B 14 23.98 9.84 -44.34
CA ASN B 14 23.24 10.97 -44.90
C ASN B 14 22.16 11.53 -44.03
N LYS B 15 21.65 10.78 -43.03
CA LYS B 15 20.53 11.23 -42.20
C LYS B 15 20.81 11.18 -40.66
N GLY B 16 21.89 10.54 -40.23
CA GLY B 16 22.25 10.48 -38.82
C GLY B 16 21.76 9.24 -38.11
N HIS B 17 20.83 8.54 -38.75
CA HIS B 17 20.17 7.34 -38.25
C HIS B 17 19.36 6.81 -39.41
N PHE B 18 18.69 5.66 -39.22
CA PHE B 18 17.86 5.07 -40.25
C PHE B 18 16.60 5.89 -40.44
N ASP B 19 16.36 6.31 -41.69
CA ASP B 19 15.20 7.15 -42.02
C ASP B 19 14.45 6.63 -43.26
N GLY B 20 14.58 5.33 -43.55
CA GLY B 20 13.91 4.70 -44.68
C GLY B 20 14.17 5.31 -46.05
N GLN B 21 15.32 5.98 -46.22
CA GLN B 21 15.72 6.61 -47.46
C GLN B 21 16.42 5.60 -48.34
N GLN B 22 16.15 5.64 -49.66
CA GLN B 22 16.76 4.76 -50.65
C GLN B 22 18.19 5.20 -50.96
N GLY B 23 19.09 4.24 -51.06
CA GLY B 23 20.49 4.48 -51.38
C GLY B 23 21.41 3.49 -50.70
N GLU B 24 22.65 3.39 -51.20
CA GLU B 24 23.67 2.47 -50.65
C GLU B 24 25.05 3.12 -50.66
N VAL B 25 25.88 2.77 -49.67
CA VAL B 25 27.29 3.17 -49.56
C VAL B 25 28.17 1.90 -49.41
N PRO B 26 29.45 1.91 -49.84
CA PRO B 26 30.32 0.75 -49.58
C PRO B 26 30.60 0.57 -48.09
N VAL B 27 30.44 -0.67 -47.59
CA VAL B 27 30.65 -1.03 -46.19
C VAL B 27 31.66 -2.17 -46.07
N SER B 28 32.49 -2.12 -45.04
CA SER B 28 33.43 -3.17 -44.70
C SER B 28 33.31 -3.49 -43.20
N ILE B 29 33.28 -4.80 -42.89
CA ILE B 29 33.19 -5.31 -41.51
C ILE B 29 34.48 -6.00 -41.13
N ILE B 30 35.12 -5.44 -40.12
CA ILE B 30 36.39 -5.98 -39.58
C ILE B 30 36.37 -5.80 -38.06
N ASN B 31 36.64 -6.89 -37.35
CA ASN B 31 36.73 -7.00 -35.87
C ASN B 31 35.68 -6.16 -35.13
N ASN B 32 34.41 -6.54 -35.26
CA ASN B 32 33.25 -5.96 -34.52
C ASN B 32 33.06 -4.46 -34.77
N THR B 33 33.43 -3.99 -35.94
CA THR B 33 33.32 -2.60 -36.34
C THR B 33 32.81 -2.54 -37.77
N VAL B 34 31.93 -1.57 -38.03
CA VAL B 34 31.37 -1.23 -39.34
C VAL B 34 32.06 0.06 -39.83
N TYR B 35 32.74 -0.06 -40.98
CA TYR B 35 33.43 1.03 -41.63
C TYR B 35 32.72 1.35 -42.95
N THR B 36 32.92 2.60 -43.44
CA THR B 36 32.44 3.05 -44.75
C THR B 36 33.58 3.70 -45.52
N LYS B 37 33.62 3.51 -46.83
CA LYS B 37 34.66 4.14 -47.62
C LYS B 37 34.22 5.56 -48.00
N VAL B 38 34.88 6.59 -47.44
CA VAL B 38 34.61 7.99 -47.75
C VAL B 38 35.87 8.52 -48.44
N ASP B 39 35.77 8.79 -49.74
CA ASP B 39 36.87 9.28 -50.57
C ASP B 39 38.17 8.45 -50.43
N GLY B 40 38.06 7.15 -50.71
CA GLY B 40 39.20 6.23 -50.70
C GLY B 40 39.77 5.78 -49.37
N VAL B 41 39.18 6.21 -48.24
CA VAL B 41 39.61 5.80 -46.90
C VAL B 41 38.45 5.30 -46.11
N ASP B 42 38.71 4.37 -45.16
CA ASP B 42 37.68 3.80 -44.31
C ASP B 42 37.42 4.60 -43.05
N VAL B 43 36.16 4.98 -42.85
CA VAL B 43 35.66 5.72 -41.69
C VAL B 43 34.77 4.82 -40.85
N GLU B 44 35.05 4.76 -39.56
CA GLU B 44 34.27 3.97 -38.60
C GLU B 44 32.90 4.60 -38.35
N LEU B 45 31.86 3.82 -38.66
CA LEU B 45 30.43 4.14 -38.49
C LEU B 45 29.87 3.63 -37.16
N PHE B 46 30.32 2.42 -36.71
CA PHE B 46 29.80 1.71 -35.54
C PHE B 46 30.79 0.69 -34.99
N GLU B 47 30.93 0.66 -33.66
CA GLU B 47 31.74 -0.32 -32.92
C GLU B 47 30.74 -1.09 -32.06
N ASN B 48 30.68 -2.40 -32.25
CA ASN B 48 29.74 -3.26 -31.55
C ASN B 48 30.14 -3.59 -30.11
N LYS B 49 29.38 -3.08 -29.14
CA LYS B 49 29.61 -3.40 -27.72
C LYS B 49 28.56 -4.36 -27.16
N THR B 50 27.73 -4.93 -28.05
CA THR B 50 26.63 -5.83 -27.72
C THR B 50 27.07 -7.29 -27.84
N THR B 51 26.20 -8.22 -27.43
CA THR B 51 26.44 -9.66 -27.54
C THR B 51 25.77 -10.21 -28.81
N LEU B 52 25.32 -9.29 -29.68
CA LEU B 52 24.67 -9.59 -30.95
C LEU B 52 25.69 -9.46 -32.08
N PRO B 53 25.47 -10.14 -33.24
CA PRO B 53 26.36 -9.92 -34.40
C PRO B 53 26.47 -8.43 -34.78
N VAL B 54 27.68 -8.01 -35.18
CA VAL B 54 28.03 -6.65 -35.54
C VAL B 54 26.97 -5.99 -36.45
N ASN B 55 26.69 -6.55 -37.61
CA ASN B 55 25.71 -5.99 -38.57
C ASN B 55 24.30 -5.88 -37.97
N VAL B 56 23.90 -6.87 -37.17
CA VAL B 56 22.59 -6.87 -36.52
C VAL B 56 22.51 -5.71 -35.55
N ALA B 57 23.49 -5.61 -34.65
CA ALA B 57 23.58 -4.52 -33.67
C ALA B 57 23.61 -3.15 -34.41
N PHE B 58 24.31 -3.09 -35.58
CA PHE B 58 24.42 -1.87 -36.38
C PHE B 58 23.01 -1.34 -36.77
N GLU B 59 22.17 -2.24 -37.39
CA GLU B 59 20.78 -2.01 -37.79
C GLU B 59 19.90 -1.53 -36.63
N LEU B 60 19.98 -2.24 -35.49
CA LEU B 60 19.19 -1.88 -34.31
C LEU B 60 19.58 -0.50 -33.82
N TRP B 61 20.90 -0.20 -33.76
CA TRP B 61 21.36 1.13 -33.38
C TRP B 61 20.82 2.18 -34.36
N ALA B 62 21.01 1.98 -35.69
CA ALA B 62 20.50 2.89 -36.69
C ALA B 62 18.98 3.10 -36.56
N LYS B 63 18.23 2.04 -36.18
CA LYS B 63 16.76 2.05 -36.06
C LYS B 63 16.23 2.40 -34.66
N ARG B 64 17.11 2.90 -33.77
CA ARG B 64 16.75 3.33 -32.41
C ARG B 64 15.73 4.48 -32.40
N ASN B 65 14.87 4.53 -31.36
CA ASN B 65 13.90 5.60 -31.13
C ASN B 65 14.67 6.91 -30.77
N ILE B 66 14.52 7.94 -31.61
CA ILE B 66 15.19 9.23 -31.43
C ILE B 66 14.21 10.34 -30.91
N LYS B 67 13.08 9.93 -30.28
CA LYS B 67 12.12 10.83 -29.63
C LYS B 67 12.31 10.58 -28.12
N PRO B 68 11.85 11.46 -27.18
CA PRO B 68 12.04 11.15 -25.76
C PRO B 68 11.31 9.87 -25.38
N VAL B 69 12.00 8.97 -24.73
CA VAL B 69 11.41 7.71 -24.34
C VAL B 69 11.58 7.45 -22.83
N PRO B 70 10.73 6.56 -22.23
CA PRO B 70 10.94 6.20 -20.82
C PRO B 70 12.35 5.62 -20.62
N GLU B 71 12.93 5.83 -19.44
CA GLU B 71 14.25 5.29 -19.14
C GLU B 71 14.15 3.77 -18.97
N VAL B 72 15.21 3.03 -19.33
CA VAL B 72 15.25 1.58 -19.27
C VAL B 72 14.84 1.04 -17.88
N LYS B 73 15.39 1.59 -16.78
CA LYS B 73 14.99 1.21 -15.43
C LYS B 73 13.43 1.20 -15.29
N ILE B 74 12.73 2.29 -15.70
CA ILE B 74 11.26 2.36 -15.68
C ILE B 74 10.60 1.19 -16.46
N LEU B 75 11.03 1.02 -17.71
CA LEU B 75 10.57 -0.01 -18.61
C LEU B 75 10.76 -1.38 -18.01
N ASN B 76 11.92 -1.61 -17.41
CA ASN B 76 12.28 -2.87 -16.76
C ASN B 76 11.39 -3.13 -15.56
N ASN B 77 11.20 -2.08 -14.72
CA ASN B 77 10.42 -2.17 -13.49
C ASN B 77 8.99 -2.47 -13.75
N LEU B 78 8.47 -2.04 -14.92
CA LEU B 78 7.10 -2.30 -15.35
C LEU B 78 6.97 -3.66 -16.07
N GLY B 79 8.08 -4.36 -16.19
CA GLY B 79 8.15 -5.69 -16.77
C GLY B 79 8.02 -5.74 -18.27
N VAL B 80 8.55 -4.73 -18.99
CA VAL B 80 8.53 -4.67 -20.47
C VAL B 80 9.51 -5.69 -21.07
N ASP B 81 9.01 -6.52 -21.98
CA ASP B 81 9.83 -7.55 -22.63
C ASP B 81 10.30 -7.15 -24.04
N ILE B 82 9.46 -6.41 -24.75
CA ILE B 82 9.66 -6.04 -26.13
C ILE B 82 8.94 -4.70 -26.43
N ALA B 83 9.33 -4.03 -27.51
CA ALA B 83 8.74 -2.76 -27.95
C ALA B 83 8.00 -3.00 -29.28
N ALA B 84 6.87 -2.31 -29.47
CA ALA B 84 6.07 -2.42 -30.68
C ALA B 84 6.62 -1.51 -31.78
N ASN B 85 7.22 -2.11 -32.84
CA ASN B 85 7.72 -1.43 -34.04
C ASN B 85 8.73 -0.29 -33.79
N THR B 86 9.58 -0.44 -32.77
CA THR B 86 10.66 0.50 -32.45
C THR B 86 11.76 -0.22 -31.71
N VAL B 87 12.94 0.46 -31.56
CA VAL B 87 14.06 -0.05 -30.80
C VAL B 87 14.35 0.94 -29.70
N ILE B 88 14.23 0.48 -28.44
CA ILE B 88 14.66 1.28 -27.30
C ILE B 88 16.15 0.97 -27.12
N TRP B 89 17.01 1.98 -27.33
CA TRP B 89 18.44 1.81 -27.18
C TRP B 89 18.84 2.09 -25.74
N ASP B 90 19.60 1.15 -25.15
CA ASP B 90 20.10 1.24 -23.79
C ASP B 90 21.47 1.88 -23.82
N TYR B 91 21.51 3.19 -23.64
CA TYR B 91 22.75 3.96 -23.65
C TYR B 91 23.69 3.67 -22.50
N LYS B 92 23.19 3.08 -21.39
CA LYS B 92 24.07 2.74 -20.25
C LYS B 92 24.82 1.46 -20.61
N ARG B 93 24.15 0.51 -21.27
CA ARG B 93 24.77 -0.74 -21.69
C ARG B 93 25.36 -0.68 -23.09
N ASP B 94 25.08 0.42 -23.84
CA ASP B 94 25.45 0.61 -25.24
C ASP B 94 25.01 -0.59 -26.11
N ALA B 95 23.75 -0.95 -25.97
CA ALA B 95 23.16 -2.12 -26.60
C ALA B 95 21.65 -1.97 -26.58
N PRO B 96 20.89 -2.72 -27.43
CA PRO B 96 19.43 -2.55 -27.41
C PRO B 96 18.89 -2.98 -26.05
N ALA B 97 17.84 -2.32 -25.55
CA ALA B 97 17.24 -2.64 -24.25
C ALA B 97 16.59 -4.02 -24.23
N HIS B 98 16.09 -4.51 -25.36
CA HIS B 98 15.39 -5.80 -25.44
C HIS B 98 16.04 -6.69 -26.49
N ILE B 99 15.98 -8.01 -26.29
CA ILE B 99 16.60 -9.02 -27.18
C ILE B 99 15.98 -9.05 -28.57
N SER B 100 14.65 -9.30 -28.60
CA SER B 100 13.85 -9.43 -29.79
C SER B 100 13.19 -8.10 -30.17
N THR B 101 12.67 -8.07 -31.40
CA THR B 101 11.97 -6.93 -31.95
C THR B 101 10.68 -7.38 -32.62
N ILE B 102 9.80 -6.39 -32.88
CA ILE B 102 8.53 -6.53 -33.60
C ILE B 102 8.62 -5.56 -34.76
N GLY B 103 8.60 -6.12 -35.97
CA GLY B 103 8.64 -5.40 -37.24
C GLY B 103 9.77 -4.40 -37.38
N VAL B 104 10.99 -4.81 -37.03
CA VAL B 104 12.15 -3.91 -37.08
C VAL B 104 13.36 -4.51 -37.84
N CYS B 105 13.84 -5.66 -37.43
CA CYS B 105 15.16 -6.01 -38.00
C CYS B 105 15.27 -7.37 -38.66
N SER B 106 14.24 -8.20 -38.70
CA SER B 106 14.28 -9.53 -39.40
C SER B 106 15.16 -10.59 -38.71
N MET B 107 16.42 -10.32 -38.40
CA MET B 107 17.28 -11.24 -37.65
C MET B 107 16.84 -11.20 -36.17
N THR B 108 16.17 -10.13 -35.74
CA THR B 108 15.71 -10.13 -34.35
C THR B 108 14.21 -10.15 -34.18
N ASP B 109 13.46 -9.95 -35.27
CA ASP B 109 12.00 -9.96 -35.21
C ASP B 109 11.44 -11.30 -34.83
N ILE B 110 10.47 -11.31 -33.90
CA ILE B 110 9.73 -12.51 -33.52
C ILE B 110 8.38 -12.49 -34.25
N ALA B 111 7.98 -11.27 -34.70
CA ALA B 111 6.74 -10.93 -35.35
C ALA B 111 6.86 -9.60 -36.12
N LYS B 112 5.97 -9.38 -37.11
CA LYS B 112 5.92 -8.13 -37.90
C LYS B 112 4.99 -7.13 -37.20
N LYS B 113 3.96 -7.66 -36.50
CA LYS B 113 2.96 -6.88 -35.77
C LYS B 113 2.75 -7.42 -34.35
N PRO B 114 2.38 -6.56 -33.36
CA PRO B 114 2.17 -7.07 -31.98
C PRO B 114 0.91 -7.91 -31.81
N THR B 115 0.08 -7.97 -32.87
CA THR B 115 -1.15 -8.73 -32.89
C THR B 115 -0.89 -10.20 -33.11
N GLU B 116 0.32 -10.56 -33.57
CA GLU B 116 0.74 -11.95 -33.78
C GLU B 116 0.74 -12.68 -32.42
N THR B 117 0.26 -13.94 -32.40
CA THR B 117 0.06 -14.71 -31.15
C THR B 117 1.33 -14.90 -30.29
N ILE B 118 2.54 -14.87 -30.89
CA ILE B 118 3.79 -15.02 -30.14
C ILE B 118 3.98 -13.88 -29.11
N CYS B 119 3.42 -12.70 -29.42
CA CYS B 119 3.50 -11.50 -28.61
C CYS B 119 2.54 -11.53 -27.44
N ALA B 120 1.42 -12.28 -27.55
CA ALA B 120 0.39 -12.37 -26.52
C ALA B 120 0.98 -12.57 -25.09
N PRO B 121 1.86 -13.59 -24.81
CA PRO B 121 2.42 -13.72 -23.45
C PRO B 121 3.46 -12.66 -23.03
N LEU B 122 3.87 -11.78 -23.95
CA LEU B 122 4.90 -10.76 -23.71
C LEU B 122 4.33 -9.42 -23.36
N THR B 123 5.06 -8.66 -22.51
CA THR B 123 4.65 -7.32 -22.11
C THR B 123 5.23 -6.36 -23.13
N VAL B 124 4.37 -5.98 -24.05
CA VAL B 124 4.73 -5.12 -25.16
C VAL B 124 4.65 -3.64 -24.75
N PHE B 125 5.63 -2.87 -25.18
CA PHE B 125 5.60 -1.45 -24.95
C PHE B 125 4.99 -0.78 -26.14
N PHE B 126 3.93 0.01 -25.88
CA PHE B 126 3.23 0.80 -26.88
C PHE B 126 3.44 2.29 -26.61
N ASP B 127 3.62 3.05 -27.69
CA ASP B 127 3.81 4.48 -27.63
C ASP B 127 2.60 5.15 -28.28
N GLY B 128 1.77 5.76 -27.42
CA GLY B 128 0.56 6.48 -27.81
C GLY B 128 0.76 7.64 -28.76
N ARG B 129 2.01 8.08 -28.94
CA ARG B 129 2.37 9.15 -29.87
C ARG B 129 2.38 8.64 -31.31
N VAL B 130 2.54 7.33 -31.50
CA VAL B 130 2.51 6.66 -32.81
C VAL B 130 1.05 6.25 -33.08
N ASP B 131 0.56 6.46 -34.31
CA ASP B 131 -0.81 6.13 -34.67
C ASP B 131 -1.13 4.65 -34.64
N GLY B 132 -2.30 4.34 -34.08
CA GLY B 132 -2.81 2.98 -33.94
C GLY B 132 -2.30 2.21 -32.75
N GLN B 133 -1.24 2.74 -32.07
CA GLN B 133 -0.58 2.12 -30.91
C GLN B 133 -1.46 2.02 -29.68
N VAL B 134 -2.30 3.03 -29.40
CA VAL B 134 -3.24 2.98 -28.27
C VAL B 134 -4.24 1.82 -28.53
N ASP B 135 -4.85 1.74 -29.75
CA ASP B 135 -5.76 0.65 -30.09
C ASP B 135 -5.12 -0.72 -30.00
N LEU B 136 -3.83 -0.82 -30.31
CA LEU B 136 -3.08 -2.06 -30.22
C LEU B 136 -2.91 -2.49 -28.77
N PHE B 137 -2.70 -1.52 -27.85
CA PHE B 137 -2.57 -1.80 -26.42
C PHE B 137 -3.90 -2.36 -25.89
N ARG B 138 -5.02 -1.77 -26.32
CA ARG B 138 -6.39 -2.19 -26.00
C ARG B 138 -6.65 -3.62 -26.45
N ASN B 139 -6.04 -4.06 -27.55
CA ASN B 139 -6.27 -5.40 -28.02
C ASN B 139 -5.21 -6.41 -27.54
N ALA B 140 -4.11 -5.91 -26.90
CA ALA B 140 -3.02 -6.74 -26.37
C ALA B 140 -3.36 -7.39 -25.04
N ARG B 141 -2.88 -8.65 -24.86
CA ARG B 141 -3.06 -9.44 -23.65
C ARG B 141 -2.25 -8.78 -22.52
N ASN B 142 -0.93 -8.62 -22.73
CA ASN B 142 -0.03 -7.94 -21.80
C ASN B 142 0.62 -6.77 -22.51
N GLY B 143 0.74 -5.64 -21.81
CA GLY B 143 1.38 -4.46 -22.37
C GLY B 143 1.50 -3.28 -21.42
N VAL B 144 2.39 -2.34 -21.78
CA VAL B 144 2.62 -1.06 -21.11
C VAL B 144 2.43 0.02 -22.19
N LEU B 145 1.68 1.07 -21.88
CA LEU B 145 1.42 2.15 -22.80
C LEU B 145 1.79 3.49 -22.19
N ILE B 146 2.44 4.36 -22.97
CA ILE B 146 2.74 5.74 -22.60
C ILE B 146 1.90 6.64 -23.52
N THR B 147 1.37 7.74 -22.99
CA THR B 147 0.64 8.75 -23.75
C THR B 147 0.96 10.14 -23.19
N GLU B 148 0.79 11.16 -24.02
CA GLU B 148 1.00 12.53 -23.61
C GLU B 148 -0.27 13.10 -22.97
N GLY B 149 -1.43 12.51 -23.30
CA GLY B 149 -2.71 12.95 -22.78
C GLY B 149 -3.63 11.83 -22.31
N SER B 150 -4.92 12.16 -22.09
CA SER B 150 -5.94 11.23 -21.62
C SER B 150 -6.29 10.17 -22.64
N VAL B 151 -6.62 8.96 -22.15
CA VAL B 151 -7.06 7.83 -22.97
C VAL B 151 -8.45 7.45 -22.45
N LYS B 152 -9.48 7.50 -23.30
CA LYS B 152 -10.85 7.26 -22.87
C LYS B 152 -11.06 5.90 -22.18
N GLY B 153 -11.67 5.98 -21.00
CA GLY B 153 -11.98 4.81 -20.19
C GLY B 153 -10.88 4.34 -19.27
N LEU B 154 -9.61 4.64 -19.64
CA LEU B 154 -8.43 4.24 -18.88
C LEU B 154 -7.98 5.26 -17.87
N GLN B 155 -7.73 4.78 -16.64
CA GLN B 155 -7.23 5.57 -15.51
C GLN B 155 -5.70 5.67 -15.61
N PRO B 156 -5.12 6.89 -15.78
CA PRO B 156 -3.66 6.98 -15.93
C PRO B 156 -2.84 6.86 -14.66
N SER B 157 -1.52 6.80 -14.85
CA SER B 157 -0.50 6.84 -13.80
C SER B 157 0.49 7.87 -14.30
N VAL B 158 0.59 9.02 -13.59
CA VAL B 158 1.50 10.10 -14.01
C VAL B 158 2.93 9.65 -13.73
N GLY B 159 3.73 9.54 -14.78
CA GLY B 159 5.09 9.04 -14.68
C GLY B 159 6.13 10.07 -14.27
N PRO B 160 7.45 9.77 -14.44
CA PRO B 160 8.50 10.73 -14.06
C PRO B 160 8.44 12.03 -14.87
N LYS B 161 9.01 13.12 -14.32
CA LYS B 161 9.05 14.40 -15.03
C LYS B 161 10.02 14.30 -16.22
N GLN B 162 11.06 13.46 -16.04
CA GLN B 162 12.13 13.26 -17.03
C GLN B 162 11.96 12.01 -17.92
N ALA B 163 12.66 12.02 -19.05
CA ALA B 163 12.70 10.94 -20.01
C ALA B 163 14.01 11.06 -20.74
N SER B 164 14.41 9.98 -21.45
CA SER B 164 15.68 9.87 -22.18
C SER B 164 15.52 10.27 -23.64
N LEU B 165 16.30 11.27 -24.08
CA LEU B 165 16.31 11.69 -25.48
C LEU B 165 17.72 11.49 -25.98
N ASN B 166 17.92 10.42 -26.77
CA ASN B 166 19.22 10.05 -27.34
C ASN B 166 20.28 9.90 -26.26
N GLY B 167 19.94 9.14 -25.22
CA GLY B 167 20.83 8.91 -24.09
C GLY B 167 21.01 10.09 -23.17
N VAL B 168 20.32 11.21 -23.43
CA VAL B 168 20.39 12.37 -22.55
C VAL B 168 19.12 12.36 -21.73
N THR B 169 19.24 12.15 -20.42
CA THR B 169 18.05 12.21 -19.57
C THR B 169 17.76 13.69 -19.25
N LEU B 170 16.52 14.11 -19.45
CA LEU B 170 16.15 15.51 -19.23
C LEU B 170 14.65 15.69 -18.98
N ILE B 171 14.30 16.87 -18.47
CA ILE B 171 12.93 17.30 -18.31
C ILE B 171 12.75 18.26 -19.49
N GLY B 172 11.95 17.82 -20.46
CA GLY B 172 11.69 18.54 -21.69
C GLY B 172 11.05 19.90 -21.52
N GLU B 173 11.54 20.88 -22.27
CA GLU B 173 11.02 22.25 -22.37
C GLU B 173 10.49 22.42 -23.79
N ALA B 174 11.29 22.04 -24.81
CA ALA B 174 10.94 22.10 -26.22
C ALA B 174 10.22 20.82 -26.65
N VAL B 175 10.22 19.80 -25.79
CA VAL B 175 9.57 18.51 -26.03
C VAL B 175 8.82 18.05 -24.77
N LYS B 176 7.88 17.10 -24.93
CA LYS B 176 7.19 16.53 -23.77
C LYS B 176 7.93 15.28 -23.31
N THR B 177 8.32 15.25 -22.01
CA THR B 177 9.02 14.12 -21.38
C THR B 177 8.17 13.41 -20.31
N GLN B 178 7.08 14.08 -19.81
CA GLN B 178 6.12 13.51 -18.84
C GLN B 178 5.04 12.71 -19.52
N PHE B 179 4.96 11.42 -19.19
CA PHE B 179 3.97 10.56 -19.81
C PHE B 179 2.96 9.99 -18.84
N ASN B 180 1.84 9.54 -19.39
CA ASN B 180 0.81 8.82 -18.69
C ASN B 180 1.16 7.36 -18.92
N TYR B 181 1.11 6.57 -17.86
CA TYR B 181 1.44 5.14 -17.94
C TYR B 181 0.22 4.28 -17.70
N TYR B 182 0.12 3.21 -18.49
CA TYR B 182 -0.94 2.21 -18.40
C TYR B 182 -0.31 0.83 -18.48
N LYS B 183 -0.86 -0.14 -17.77
CA LYS B 183 -0.34 -1.52 -17.81
C LYS B 183 -1.53 -2.52 -17.82
N LYS B 184 -1.39 -3.60 -18.62
CA LYS B 184 -2.33 -4.69 -18.82
C LYS B 184 -1.63 -6.02 -18.52
N VAL B 185 -2.27 -6.88 -17.75
CA VAL B 185 -1.77 -8.23 -17.40
C VAL B 185 -2.92 -9.21 -17.66
N ASP B 186 -2.65 -10.24 -18.49
CA ASP B 186 -3.59 -11.28 -18.94
C ASP B 186 -4.96 -10.70 -19.34
N GLY B 187 -4.89 -9.65 -20.19
CA GLY B 187 -6.03 -8.91 -20.74
C GLY B 187 -6.69 -7.93 -19.81
N VAL B 188 -6.20 -7.82 -18.57
CA VAL B 188 -6.82 -6.94 -17.58
C VAL B 188 -5.97 -5.72 -17.33
N VAL B 189 -6.57 -4.51 -17.40
CA VAL B 189 -5.88 -3.26 -17.10
C VAL B 189 -5.59 -3.29 -15.60
N GLN B 190 -4.31 -3.15 -15.26
CA GLN B 190 -3.82 -3.16 -13.89
C GLN B 190 -3.64 -1.73 -13.39
N GLN B 191 -4.03 -1.49 -12.13
CA GLN B 191 -3.89 -0.20 -11.44
C GLN B 191 -2.44 -0.10 -10.97
N LEU B 192 -1.68 0.86 -11.51
CA LEU B 192 -0.27 1.02 -11.16
C LEU B 192 -0.14 1.64 -9.77
N PRO B 193 0.90 1.26 -8.96
CA PRO B 193 0.97 1.80 -7.59
C PRO B 193 1.40 3.25 -7.45
N GLU B 194 1.15 3.79 -6.25
CA GLU B 194 1.58 5.10 -5.78
C GLU B 194 3.08 4.93 -5.62
N THR B 195 3.86 5.81 -6.24
CA THR B 195 5.32 5.67 -6.30
C THR B 195 6.06 6.99 -6.19
N TYR B 196 7.32 6.90 -5.74
CA TYR B 196 8.32 7.95 -5.73
C TYR B 196 9.09 7.70 -7.00
N PHE B 197 9.78 8.72 -7.48
CA PHE B 197 10.59 8.62 -8.68
C PHE B 197 12.03 9.06 -8.44
N THR B 198 13.01 8.30 -9.03
CA THR B 198 14.43 8.70 -8.93
C THR B 198 14.61 9.87 -9.90
N GLN B 199 15.51 10.81 -9.56
CA GLN B 199 15.72 12.02 -10.31
C GLN B 199 16.66 11.90 -11.51
N SER B 200 17.35 10.73 -11.67
CA SER B 200 18.25 10.40 -12.79
C SER B 200 19.32 11.44 -13.08
N ARG B 201 19.87 12.07 -12.04
CA ARG B 201 20.90 13.10 -12.15
C ARG B 201 22.34 12.55 -12.18
N ASN B 202 23.31 13.39 -12.62
CA ASN B 202 24.73 13.02 -12.70
C ASN B 202 25.48 13.60 -11.52
N LEU B 203 26.50 12.85 -11.07
CA LEU B 203 27.34 13.24 -9.94
C LEU B 203 28.11 14.58 -10.18
N GLN B 204 28.65 14.74 -11.39
CA GLN B 204 29.52 15.90 -11.73
C GLN B 204 28.74 17.19 -11.98
N GLU B 205 27.58 17.11 -12.62
CA GLU B 205 26.83 18.38 -12.83
C GLU B 205 25.45 18.25 -12.20
N PHE B 206 25.42 18.19 -10.86
CA PHE B 206 24.15 17.99 -10.13
C PHE B 206 23.36 19.28 -10.03
N LYS B 207 22.08 19.19 -10.35
CA LYS B 207 21.16 20.33 -10.30
C LYS B 207 20.11 20.17 -9.21
N PRO B 208 20.11 21.02 -8.16
CA PRO B 208 19.06 20.92 -7.11
C PRO B 208 17.67 21.20 -7.68
N ARG B 209 16.66 20.42 -7.25
CA ARG B 209 15.31 20.57 -7.80
C ARG B 209 14.24 20.97 -6.74
N SER B 210 14.71 21.44 -5.56
CA SER B 210 13.87 21.92 -4.45
C SER B 210 14.69 22.88 -3.62
N GLN B 211 14.01 23.68 -2.76
CA GLN B 211 14.68 24.62 -1.87
C GLN B 211 15.53 23.88 -0.84
N MET B 212 15.02 22.75 -0.32
CA MET B 212 15.73 21.89 0.63
C MET B 212 17.08 21.48 0.04
N GLU B 213 17.12 21.08 -1.25
CA GLU B 213 18.30 20.65 -2.00
C GLU B 213 19.28 21.79 -2.24
N ILE B 214 18.78 23.01 -2.54
CA ILE B 214 19.58 24.24 -2.72
C ILE B 214 20.29 24.51 -1.37
N ASP B 215 19.52 24.38 -0.28
CA ASP B 215 19.94 24.54 1.10
C ASP B 215 20.95 23.47 1.48
N PHE B 216 20.71 22.23 1.08
CA PHE B 216 21.65 21.13 1.43
C PHE B 216 23.05 21.45 0.91
N LEU B 217 23.13 21.82 -0.36
CA LEU B 217 24.38 22.17 -1.03
C LEU B 217 25.03 23.44 -0.45
N GLU B 218 24.26 24.51 -0.23
CA GLU B 218 24.83 25.75 0.31
C GLU B 218 25.24 25.66 1.79
N LEU B 219 24.28 25.29 2.66
CA LEU B 219 24.45 25.20 4.11
C LEU B 219 25.41 24.07 4.55
N ALA B 220 25.86 24.18 5.81
CA ALA B 220 26.77 23.19 6.42
C ALA B 220 25.92 22.13 7.13
N MET B 221 26.48 20.93 7.28
CA MET B 221 25.84 19.74 7.90
C MET B 221 25.02 20.16 9.13
N ASP B 222 25.69 20.70 10.14
CA ASP B 222 25.07 21.13 11.41
C ASP B 222 23.90 22.09 11.19
N GLU B 223 24.05 23.10 10.34
CA GLU B 223 23.01 24.11 10.12
C GLU B 223 21.82 23.52 9.36
N PHE B 224 22.10 22.74 8.29
CA PHE B 224 21.05 22.08 7.53
C PHE B 224 20.18 21.20 8.43
N ILE B 225 20.81 20.27 9.18
CA ILE B 225 20.12 19.34 10.10
C ILE B 225 19.19 20.10 11.10
N GLU B 226 19.63 21.29 11.58
CA GLU B 226 18.86 22.13 12.49
C GLU B 226 17.67 22.76 11.76
N ARG B 227 17.92 23.41 10.60
CA ARG B 227 16.90 24.09 9.78
C ARG B 227 15.73 23.16 9.41
N TYR B 228 16.02 21.93 8.98
CA TYR B 228 14.98 20.97 8.59
C TYR B 228 14.61 19.96 9.69
N LYS B 229 15.03 20.24 10.95
CA LYS B 229 14.82 19.43 12.16
C LYS B 229 14.97 17.94 11.90
N LEU B 230 16.19 17.55 11.50
CA LEU B 230 16.55 16.18 11.15
C LEU B 230 17.43 15.46 12.17
N GLU B 231 17.38 15.90 13.44
CA GLU B 231 18.14 15.32 14.54
C GLU B 231 17.61 13.90 14.87
N GLY B 232 18.54 12.95 15.05
CA GLY B 232 18.23 11.56 15.37
C GLY B 232 17.86 10.68 14.18
N TYR B 233 17.94 11.26 12.96
CA TYR B 233 17.63 10.57 11.70
C TYR B 233 18.89 10.08 10.97
N ALA B 234 20.08 10.27 11.62
CA ALA B 234 21.42 9.89 11.18
C ALA B 234 21.77 10.43 9.80
N PHE B 235 21.30 11.63 9.53
CA PHE B 235 21.47 12.30 8.22
C PHE B 235 22.94 12.54 7.91
N GLU B 236 23.71 12.86 8.93
CA GLU B 236 25.16 13.10 8.84
C GLU B 236 25.76 11.90 8.12
N HIS B 237 25.58 10.71 8.71
CA HIS B 237 26.03 9.40 8.23
C HIS B 237 25.39 8.98 6.91
N ILE B 238 24.07 8.93 6.84
CA ILE B 238 23.37 8.39 5.65
C ILE B 238 23.57 9.26 4.41
N VAL B 239 23.44 10.58 4.53
CA VAL B 239 23.52 11.40 3.29
C VAL B 239 24.93 11.94 3.04
N TYR B 240 25.55 12.61 4.02
CA TYR B 240 26.88 13.21 3.84
C TYR B 240 27.97 12.13 3.86
N GLY B 241 27.82 11.08 4.64
CA GLY B 241 28.85 10.02 4.66
C GLY B 241 29.91 10.23 5.72
N ASP B 242 30.39 9.15 6.30
CA ASP B 242 31.43 9.15 7.33
C ASP B 242 32.72 8.58 6.74
N PHE B 243 33.75 9.44 6.65
CA PHE B 243 35.04 9.13 6.02
C PHE B 243 36.19 8.96 7.01
N SER B 244 35.87 8.87 8.32
CA SER B 244 36.87 8.77 9.39
C SER B 244 37.50 7.37 9.58
N HIS B 245 36.83 6.31 9.10
CA HIS B 245 37.33 4.93 9.22
C HIS B 245 37.73 4.34 7.88
N SER B 246 38.48 3.21 7.90
CA SER B 246 38.94 2.51 6.68
C SER B 246 37.75 2.14 5.78
N GLN B 247 36.64 1.70 6.40
CA GLN B 247 35.41 1.37 5.73
C GLN B 247 34.52 2.64 5.70
N LEU B 248 34.03 3.01 4.50
CA LEU B 248 33.21 4.19 4.28
C LEU B 248 31.86 4.01 4.92
N GLY B 249 31.40 5.02 5.65
CA GLY B 249 30.11 5.00 6.32
C GLY B 249 29.03 5.76 5.58
N GLY B 250 27.92 5.08 5.33
CA GLY B 250 26.76 5.73 4.70
C GLY B 250 27.00 6.15 3.27
N LEU B 251 26.55 7.37 2.95
CA LEU B 251 26.62 8.00 1.61
C LEU B 251 25.82 7.17 0.62
N HIS B 252 24.50 7.24 0.72
CA HIS B 252 23.60 6.43 -0.14
C HIS B 252 22.68 7.31 -0.96
N LEU B 253 22.80 8.63 -0.82
CA LEU B 253 21.98 9.58 -1.58
C LEU B 253 22.88 10.33 -2.53
N LEU B 254 22.53 10.33 -3.84
CA LEU B 254 23.35 11.01 -4.86
C LEU B 254 23.70 12.48 -4.53
N ILE B 255 22.77 13.25 -3.99
CA ILE B 255 23.03 14.63 -3.62
C ILE B 255 24.23 14.73 -2.61
N GLY B 256 24.44 13.66 -1.84
CA GLY B 256 25.54 13.65 -0.86
C GLY B 256 26.86 13.38 -1.53
N LEU B 257 26.86 12.49 -2.50
CA LEU B 257 28.04 12.19 -3.31
C LEU B 257 28.42 13.43 -4.08
N ALA B 258 27.42 14.08 -4.70
CA ALA B 258 27.56 15.31 -5.48
C ALA B 258 28.18 16.44 -4.66
N LYS B 259 27.77 16.61 -3.39
CA LYS B 259 28.31 17.65 -2.50
C LYS B 259 29.79 17.36 -2.20
N ARG B 260 30.09 16.11 -1.78
CA ARG B 260 31.42 15.64 -1.48
C ARG B 260 32.33 15.81 -2.70
N PHE B 261 31.84 15.42 -3.89
CA PHE B 261 32.56 15.49 -5.16
C PHE B 261 33.06 16.90 -5.52
N LYS B 262 32.27 17.95 -5.24
CA LYS B 262 32.66 19.34 -5.52
C LYS B 262 33.86 19.70 -4.63
N GLU B 263 33.80 19.33 -3.34
CA GLU B 263 34.83 19.59 -2.32
C GLU B 263 36.11 18.80 -2.58
N SER B 264 35.99 17.44 -2.62
CA SER B 264 37.08 16.48 -2.79
C SER B 264 36.63 15.33 -3.71
N PRO B 265 37.37 15.05 -4.79
CA PRO B 265 36.98 13.94 -5.67
C PRO B 265 37.30 12.56 -5.09
N PHE B 266 36.60 11.53 -5.59
CA PHE B 266 36.71 10.13 -5.21
C PHE B 266 36.45 9.28 -6.44
N GLU B 267 36.83 7.99 -6.35
CA GLU B 267 36.67 7.01 -7.41
C GLU B 267 35.39 6.22 -7.20
N LEU B 268 34.51 6.17 -8.23
CA LEU B 268 33.25 5.40 -8.24
C LEU B 268 33.40 4.33 -9.29
N GLU B 269 33.56 3.09 -8.85
CA GLU B 269 33.68 1.99 -9.78
C GLU B 269 32.29 1.37 -9.92
N ASP B 270 31.69 1.56 -11.12
CA ASP B 270 30.36 1.09 -11.49
C ASP B 270 30.50 -0.34 -12.05
N PHE B 271 30.63 -1.33 -11.16
CA PHE B 271 30.90 -2.73 -11.52
C PHE B 271 29.76 -3.46 -12.26
N ILE B 272 28.49 -3.03 -12.10
CA ILE B 272 27.37 -3.59 -12.86
C ILE B 272 26.82 -2.43 -13.72
N PRO B 273 27.46 -2.12 -14.89
CA PRO B 273 27.06 -0.94 -15.67
C PRO B 273 25.76 -1.14 -16.44
N MET B 274 24.67 -0.72 -15.81
CA MET B 274 23.33 -0.86 -16.37
C MET B 274 22.45 0.19 -15.74
N ASP B 275 21.26 0.42 -16.31
CA ASP B 275 20.29 1.36 -15.77
C ASP B 275 19.45 0.62 -14.73
N SER B 276 19.44 1.14 -13.50
CA SER B 276 18.62 0.59 -12.41
C SER B 276 18.28 1.66 -11.39
N THR B 277 17.18 1.47 -10.65
CA THR B 277 16.67 2.39 -9.62
C THR B 277 17.74 2.62 -8.53
N VAL B 278 18.33 1.52 -8.02
CA VAL B 278 19.41 1.56 -7.05
C VAL B 278 20.70 1.20 -7.80
N LYS B 279 21.77 1.99 -7.57
CA LYS B 279 23.09 1.75 -8.16
C LYS B 279 24.10 1.38 -7.09
N ASN B 280 24.95 0.41 -7.37
CA ASN B 280 26.00 -0.01 -6.42
C ASN B 280 27.36 0.40 -6.95
N TYR B 281 28.15 1.06 -6.11
CA TYR B 281 29.48 1.48 -6.52
C TYR B 281 30.53 1.03 -5.56
N PHE B 282 31.74 0.84 -6.08
CA PHE B 282 32.93 0.54 -5.29
C PHE B 282 33.55 1.92 -5.14
N ILE B 283 33.44 2.48 -3.93
CA ILE B 283 33.92 3.84 -3.71
C ILE B 283 35.25 3.86 -2.96
N THR B 284 36.18 4.72 -3.40
CA THR B 284 37.47 4.95 -2.76
C THR B 284 37.61 6.47 -2.66
N ASP B 285 37.66 7.02 -1.43
CA ASP B 285 37.82 8.47 -1.24
C ASP B 285 39.30 8.88 -1.26
N ALA B 286 39.71 9.59 -2.31
CA ALA B 286 41.07 10.05 -2.53
C ALA B 286 41.71 10.78 -1.36
N GLN B 287 40.95 11.63 -0.67
CA GLN B 287 41.47 12.43 0.45
C GLN B 287 41.88 11.63 1.66
N THR B 288 40.96 10.81 2.17
CA THR B 288 41.10 10.00 3.39
C THR B 288 41.61 8.57 3.17
N GLY B 289 41.25 7.96 2.06
CA GLY B 289 41.57 6.57 1.81
C GLY B 289 40.45 5.67 2.31
N SER B 290 39.33 6.28 2.74
CA SER B 290 38.15 5.56 3.20
C SER B 290 37.47 4.90 1.98
N SER B 291 37.10 3.60 2.09
CA SER B 291 36.49 2.89 0.96
C SER B 291 35.38 1.90 1.32
N LYS B 292 34.60 1.44 0.32
CA LYS B 292 33.50 0.50 0.46
C LYS B 292 33.26 -0.22 -0.87
N CYS B 293 33.19 -1.55 -0.85
CA CYS B 293 33.01 -2.40 -2.03
C CYS B 293 31.67 -2.19 -2.65
N VAL B 294 30.60 -2.38 -1.86
CA VAL B 294 29.24 -2.20 -2.34
C VAL B 294 28.65 -1.02 -1.64
N CYS B 295 28.48 0.07 -2.37
CA CYS B 295 27.89 1.24 -1.79
C CYS B 295 26.63 1.56 -2.58
N SER B 296 25.47 1.26 -1.99
CA SER B 296 24.16 1.51 -2.62
C SER B 296 23.81 2.97 -2.60
N VAL B 297 23.56 3.53 -3.78
CA VAL B 297 23.25 4.92 -4.00
C VAL B 297 21.93 5.01 -4.75
N ILE B 298 20.99 5.82 -4.22
CA ILE B 298 19.70 6.15 -4.82
C ILE B 298 19.64 7.68 -5.05
N ASP B 299 19.00 8.11 -6.15
CA ASP B 299 18.83 9.55 -6.42
C ASP B 299 17.39 9.95 -6.22
N LEU B 300 17.02 10.20 -4.97
CA LEU B 300 15.68 10.66 -4.64
C LEU B 300 15.77 12.12 -4.32
N LEU B 301 14.73 12.88 -4.66
CA LEU B 301 14.67 14.28 -4.28
C LEU B 301 14.76 14.30 -2.75
N LEU B 302 15.71 15.04 -2.17
CA LEU B 302 15.91 15.09 -0.72
C LEU B 302 14.60 15.08 0.13
N ASP B 303 13.64 15.94 -0.23
CA ASP B 303 12.33 16.08 0.40
C ASP B 303 11.58 14.74 0.46
N ASP B 304 11.73 13.90 -0.61
CA ASP B 304 11.13 12.57 -0.70
C ASP B 304 11.83 11.62 0.25
N PHE B 305 13.16 11.68 0.31
CA PHE B 305 13.94 10.85 1.22
C PHE B 305 13.62 11.21 2.68
N VAL B 306 13.49 12.51 2.97
CA VAL B 306 13.17 13.06 4.30
C VAL B 306 11.79 12.55 4.71
N GLU B 307 10.83 12.52 3.75
CA GLU B 307 9.47 12.00 3.93
C GLU B 307 9.50 10.49 4.28
N ILE B 308 10.27 9.69 3.52
CA ILE B 308 10.39 8.24 3.74
C ILE B 308 11.00 7.98 5.13
N ILE B 309 12.16 8.58 5.44
CA ILE B 309 12.80 8.34 6.74
C ILE B 309 11.94 8.82 7.93
N LYS B 310 11.21 9.94 7.81
CA LYS B 310 10.39 10.43 8.91
C LYS B 310 9.10 9.61 9.10
N SER B 311 8.67 8.90 8.01
CA SER B 311 7.47 8.05 8.00
C SER B 311 7.73 6.62 8.52
N GLN B 312 8.88 6.40 9.21
CA GLN B 312 9.28 5.10 9.75
C GLN B 312 9.17 4.99 11.24
N ASP B 313 8.92 3.76 11.71
CA ASP B 313 8.87 3.37 13.11
C ASP B 313 10.33 3.05 13.51
N LEU B 314 10.87 3.77 14.52
CA LEU B 314 12.28 3.63 14.92
C LEU B 314 12.45 2.81 16.18
N SER B 315 11.48 1.93 16.49
CA SER B 315 11.47 1.14 17.73
C SER B 315 12.13 -0.27 17.68
N VAL B 316 12.80 -0.64 16.57
CA VAL B 316 13.43 -1.96 16.45
C VAL B 316 14.90 -1.85 16.00
N VAL B 317 15.75 -2.82 16.40
CA VAL B 317 17.19 -2.87 16.04
C VAL B 317 17.41 -2.95 14.50
N SER B 318 16.88 -3.98 13.81
CA SER B 318 17.00 -4.10 12.35
C SER B 318 15.67 -4.51 11.74
N LYS B 319 15.37 -3.95 10.57
CA LYS B 319 14.09 -4.17 9.89
C LYS B 319 14.22 -3.86 8.38
N VAL B 320 13.53 -4.64 7.55
CA VAL B 320 13.46 -4.40 6.11
C VAL B 320 12.25 -3.49 5.88
N VAL B 321 12.46 -2.36 5.19
CA VAL B 321 11.45 -1.35 4.86
C VAL B 321 11.26 -1.38 3.35
N LYS B 322 10.02 -1.48 2.88
CA LYS B 322 9.74 -1.55 1.45
C LYS B 322 9.16 -0.22 0.93
N VAL B 323 9.78 0.35 -0.11
CA VAL B 323 9.35 1.64 -0.68
C VAL B 323 9.14 1.49 -2.19
N THR B 324 8.01 1.97 -2.70
CA THR B 324 7.71 1.94 -4.14
C THR B 324 8.35 3.17 -4.75
N ILE B 325 9.39 2.88 -5.55
CA ILE B 325 10.22 3.82 -6.28
C ILE B 325 10.27 3.27 -7.68
N ASP B 326 10.04 4.17 -8.66
CA ASP B 326 10.06 3.85 -10.09
C ASP B 326 9.23 2.62 -10.42
N TYR B 327 7.98 2.55 -9.87
CA TYR B 327 6.99 1.47 -10.02
C TYR B 327 7.44 0.10 -9.46
N THR B 328 8.59 0.01 -8.77
CA THR B 328 9.08 -1.25 -8.20
C THR B 328 9.24 -1.16 -6.67
N GLU B 329 9.30 -2.33 -6.01
CA GLU B 329 9.45 -2.40 -4.56
C GLU B 329 10.91 -2.46 -4.19
N ILE B 330 11.40 -1.36 -3.60
CA ILE B 330 12.79 -1.22 -3.16
C ILE B 330 12.87 -1.49 -1.66
N SER B 331 13.62 -2.56 -1.30
CA SER B 331 13.91 -2.98 0.06
C SER B 331 15.01 -2.11 0.63
N PHE B 332 14.74 -1.47 1.76
CA PHE B 332 15.68 -0.65 2.50
C PHE B 332 15.97 -1.36 3.78
N MET B 333 17.16 -1.17 4.30
CA MET B 333 17.55 -1.79 5.53
C MET B 333 17.58 -0.70 6.60
N LEU B 334 16.67 -0.77 7.58
CA LEU B 334 16.62 0.24 8.64
C LEU B 334 17.20 -0.29 9.95
N TRP B 335 18.26 0.39 10.42
CA TRP B 335 18.97 0.08 11.67
C TRP B 335 18.75 1.19 12.67
N CYS B 336 18.25 0.85 13.86
CA CYS B 336 17.97 1.83 14.93
C CYS B 336 18.61 1.44 16.24
N LYS B 337 18.68 2.41 17.16
CA LYS B 337 19.19 2.25 18.52
C LYS B 337 18.53 3.32 19.36
N ASP B 338 17.94 2.91 20.49
CA ASP B 338 17.28 3.79 21.45
C ASP B 338 16.36 4.88 20.82
N GLY B 339 15.58 4.47 19.81
CA GLY B 339 14.61 5.33 19.15
C GLY B 339 15.10 6.35 18.15
N HIS B 340 16.35 6.21 17.71
CA HIS B 340 16.94 7.07 16.70
C HIS B 340 17.56 6.19 15.62
N VAL B 341 17.62 6.70 14.37
CA VAL B 341 18.20 5.98 13.23
C VAL B 341 19.71 5.87 13.45
N GLU B 342 20.27 4.72 13.08
CA GLU B 342 21.71 4.47 13.09
C GLU B 342 22.15 4.55 11.64
N THR B 343 21.41 3.86 10.74
CA THR B 343 21.56 3.86 9.28
C THR B 343 20.26 3.39 8.59
N PHE B 344 20.14 3.77 7.33
CA PHE B 344 18.97 3.45 6.48
C PHE B 344 19.48 3.44 5.04
N TYR B 345 19.61 2.27 4.44
CA TYR B 345 20.18 2.24 3.08
C TYR B 345 19.43 1.29 2.18
N PRO B 346 19.41 1.58 0.86
CA PRO B 346 18.76 0.72 -0.09
C PRO B 346 19.55 -0.54 -0.38
N LYS B 347 18.87 -1.49 -1.02
CA LYS B 347 19.49 -2.75 -1.41
C LYS B 347 19.24 -2.96 -2.91
N LEU B 348 20.31 -3.36 -3.64
CA LEU B 348 20.16 -3.68 -5.07
C LEU B 348 19.72 -5.15 -5.23
N GLN B 349 18.63 -5.32 -5.97
CA GLN B 349 17.96 -6.58 -6.31
C GLN B 349 17.39 -6.42 -7.74
#